data_4L6W
#
_entry.id   4L6W
#
_cell.length_a   76.942
_cell.length_b   90.311
_cell.length_c   154.563
_cell.angle_alpha   90.00
_cell.angle_beta   90.00
_cell.angle_gamma   90.00
#
_symmetry.space_group_name_H-M   'P 21 21 21'
#
loop_
_entity.id
_entity.type
_entity.pdbx_description
1 polymer 'Probable propionyl-CoA carboxylase beta chain 6'
2 water water
#
_entity_poly.entity_id   1
_entity_poly.type   'polypeptide(L)'
_entity_poly.pdbx_seq_one_letter_code
;MGSSHHHHHHSSGLVPRGSHMTIMAPEAVGESLDPRDPLLRLSNFFDDGSVELLHERDRSGVLAAAGTVNGVRTIAFCTD
GTVMGGAMGVEGCTHIVNAYDTAIEDQSPIVGIWHSGGARLAEGVRALHAVGQVFEAMIRASGYIPQISVVVGFAAGGAA
YGPALTDVVVMAPESRVFVTGPDVVRSVTGEDVDMASLGGPETHHKKSGVCHIVADDELDAYDRGRRLVGLFCQQGHFDR
SKAEAGDTDIHALLPESSRRAYDVRPIVTAILDADTPFDEFQANWAPSMVVGLGRLSGRTVGVLANNPLRLGGCLNSESA
EKAARFVRLCDAFGIPLVVVVDVPGYLPGVDQEWGGVVRRGAKLLHAFGECTVPRVTLVTRKTYGGAYIAMNSRSLNATK
VFAWPDAEVAVMGAKAAVGILHKKKLAAAPEHEREALHDQLAAEHERIAGGVDSALDIGVVDEKIDPAHTRSKLTEALAQ
APARRGRHKNIPL
;
_entity_poly.pdbx_strand_id   A,B
#
# COMPACT_ATOMS: atom_id res chain seq x y z
N PRO A 35 35.46 1.36 11.23
CA PRO A 35 34.82 1.98 10.02
C PRO A 35 33.30 1.69 9.88
N ARG A 36 32.91 0.47 10.24
CA ARG A 36 31.54 0.09 10.47
C ARG A 36 31.23 0.34 11.95
N ASP A 37 32.16 0.92 12.69
CA ASP A 37 31.93 1.22 14.10
C ASP A 37 30.67 2.09 14.19
N PRO A 38 29.67 1.64 15.00
CA PRO A 38 28.41 2.38 14.96
C PRO A 38 28.56 3.78 15.60
N LEU A 39 29.47 3.93 16.58
CA LEU A 39 29.68 5.23 17.22
C LEU A 39 30.25 6.19 16.17
N LEU A 40 31.22 5.73 15.37
CA LEU A 40 31.76 6.53 14.26
C LEU A 40 30.62 6.96 13.29
N ARG A 41 29.80 5.99 12.89
CA ARG A 41 28.69 6.30 11.99
C ARG A 41 27.70 7.30 12.61
N LEU A 42 27.33 7.08 13.86
CA LEU A 42 26.39 8.03 14.48
C LEU A 42 27.00 9.41 14.59
N SER A 43 28.30 9.50 14.89
CA SER A 43 28.97 10.79 15.02
C SER A 43 29.12 11.50 13.70
N ASN A 44 29.22 10.72 12.63
CA ASN A 44 29.31 11.31 11.31
C ASN A 44 27.96 11.89 10.89
N PHE A 45 26.87 11.33 11.40
CA PHE A 45 25.52 11.77 11.03
C PHE A 45 25.16 12.97 11.89
N PHE A 46 25.38 12.89 13.20
CA PHE A 46 24.90 13.91 14.16
C PHE A 46 25.73 15.18 14.19
N ASP A 47 25.15 16.32 14.60
CA ASP A 47 25.99 17.54 14.73
C ASP A 47 27.09 17.17 15.69
N ASP A 48 28.30 17.73 15.50
CA ASP A 48 29.47 17.44 16.34
C ASP A 48 29.16 17.68 17.79
N GLY A 49 29.66 16.77 18.64
CA GLY A 49 29.53 16.86 20.10
C GLY A 49 28.14 16.69 20.68
N SER A 50 27.18 16.26 19.86
CA SER A 50 25.78 16.22 20.30
C SER A 50 25.31 14.82 20.70
N VAL A 51 26.11 13.81 20.42
CA VAL A 51 25.75 12.43 20.62
C VAL A 51 25.50 12.15 22.09
N GLU A 52 24.34 11.61 22.46
CA GLU A 52 24.08 11.15 23.83
C GLU A 52 23.55 9.76 23.68
N LEU A 53 24.40 8.78 23.93
CA LEU A 53 24.03 7.37 23.85
C LEU A 53 22.73 7.10 24.63
N LEU A 54 21.84 6.29 24.09
CA LEU A 54 20.57 5.96 24.79
C LEU A 54 20.76 4.76 25.68
N HIS A 55 21.90 4.09 25.61
CA HIS A 55 22.09 2.91 26.44
C HIS A 55 23.57 2.65 26.45
N GLU A 56 24.06 1.80 27.39
CA GLU A 56 25.49 1.49 27.45
C GLU A 56 25.86 0.75 26.17
N ARG A 57 26.98 1.16 25.58
CA ARG A 57 27.48 0.54 24.37
C ARG A 57 27.74 -0.94 24.65
N ASP A 58 27.28 -1.87 23.81
CA ASP A 58 27.47 -3.32 24.12
C ASP A 58 27.73 -4.11 22.82
N ARG A 59 27.60 -5.42 22.82
CA ARG A 59 27.83 -6.17 21.57
C ARG A 59 26.48 -6.71 20.99
N SER A 60 25.43 -5.94 21.16
CA SER A 60 24.09 -6.47 20.78
C SER A 60 23.84 -6.34 19.27
N GLY A 61 24.69 -5.56 18.61
CA GLY A 61 24.51 -5.35 17.19
C GLY A 61 23.82 -4.03 16.90
N VAL A 62 23.50 -3.25 17.92
CA VAL A 62 22.86 -1.93 17.67
C VAL A 62 23.37 -0.90 18.65
N LEU A 63 23.61 0.32 18.20
CA LEU A 63 23.86 1.42 19.14
C LEU A 63 22.86 2.51 18.79
N ALA A 64 22.08 2.94 19.78
CA ALA A 64 21.07 4.02 19.60
C ALA A 64 21.53 5.24 20.40
N ALA A 65 21.21 6.44 19.87
CA ALA A 65 21.58 7.72 20.54
C ALA A 65 20.64 8.85 20.19
N ALA A 66 20.70 9.90 20.99
CA ALA A 66 20.07 11.14 20.70
C ALA A 66 21.16 12.08 20.27
N GLY A 67 20.79 13.04 19.45
CA GLY A 67 21.66 14.15 19.15
C GLY A 67 20.82 15.24 18.49
N THR A 68 21.50 16.15 17.80
CA THR A 68 20.80 17.17 17.08
C THR A 68 21.30 17.08 15.66
N VAL A 69 20.40 17.43 14.76
CA VAL A 69 20.70 17.61 13.35
C VAL A 69 20.35 19.07 13.04
N ASN A 70 21.36 19.88 12.80
CA ASN A 70 21.21 21.35 12.76
C ASN A 70 20.31 21.91 13.84
N GLY A 71 20.52 21.49 15.07
CA GLY A 71 19.69 22.01 16.18
C GLY A 71 18.48 21.15 16.54
N VAL A 72 17.94 20.38 15.61
CA VAL A 72 16.73 19.59 15.85
C VAL A 72 17.07 18.34 16.60
N ARG A 73 16.47 18.17 17.77
CA ARG A 73 16.58 16.95 18.52
C ARG A 73 16.15 15.71 17.70
N THR A 74 17.09 14.79 17.50
CA THR A 74 16.86 13.66 16.59
C THR A 74 17.27 12.38 17.30
N ILE A 75 16.56 11.27 17.07
CA ILE A 75 16.99 9.97 17.58
C ILE A 75 17.57 9.22 16.41
N ALA A 76 18.62 8.44 16.63
CA ALA A 76 19.12 7.57 15.57
C ALA A 76 19.55 6.24 16.12
N PHE A 77 19.57 5.22 15.27
CA PHE A 77 20.20 3.96 15.71
C PHE A 77 21.01 3.48 14.53
N CYS A 78 22.05 2.73 14.81
CA CYS A 78 22.95 2.27 13.76
C CYS A 78 23.17 0.83 14.08
N THR A 79 22.99 -0.05 13.11
CA THR A 79 23.29 -1.46 13.35
C THR A 79 24.78 -1.57 13.24
N ASP A 80 25.34 -2.55 13.95
CA ASP A 80 26.76 -2.54 14.19
C ASP A 80 27.37 -3.58 13.29
N GLY A 81 27.87 -3.16 12.12
CA GLY A 81 28.39 -4.11 11.14
C GLY A 81 29.64 -4.83 11.64
N THR A 82 30.19 -4.35 12.76
CA THR A 82 31.41 -5.00 13.29
C THR A 82 31.06 -6.21 14.10
N VAL A 83 29.77 -6.43 14.39
CA VAL A 83 29.36 -7.59 15.17
C VAL A 83 28.44 -8.47 14.35
N MET A 84 28.95 -9.63 13.97
CA MET A 84 28.17 -10.58 13.14
C MET A 84 27.54 -9.92 11.92
N GLY A 85 28.28 -9.03 11.25
CA GLY A 85 27.81 -8.36 10.04
C GLY A 85 26.56 -7.52 10.35
N GLY A 86 26.41 -7.10 11.61
CA GLY A 86 25.15 -6.36 11.99
C GLY A 86 23.87 -7.20 12.09
N ALA A 87 24.00 -8.54 12.14
CA ALA A 87 22.83 -9.47 12.21
C ALA A 87 21.93 -9.10 13.42
N MET A 88 20.61 -9.07 13.21
CA MET A 88 19.71 -8.50 14.20
C MET A 88 19.30 -9.52 15.24
N GLY A 89 19.42 -9.19 16.53
CA GLY A 89 19.10 -10.19 17.55
C GLY A 89 18.20 -9.55 18.58
N VAL A 90 17.87 -10.30 19.63
CA VAL A 90 16.85 -9.86 20.58
C VAL A 90 17.32 -8.59 21.25
N GLU A 91 18.59 -8.56 21.66
CA GLU A 91 19.04 -7.43 22.48
C GLU A 91 19.12 -6.17 21.63
N GLY A 92 19.64 -6.33 20.40
CA GLY A 92 19.81 -5.23 19.50
C GLY A 92 18.45 -4.67 19.07
N CYS A 93 17.51 -5.56 18.70
CA CYS A 93 16.13 -5.13 18.34
C CYS A 93 15.48 -4.38 19.47
N THR A 94 15.76 -4.80 20.69
CA THR A 94 15.18 -4.12 21.84
C THR A 94 15.70 -2.67 21.94
N HIS A 95 16.99 -2.45 21.63
CA HIS A 95 17.50 -1.07 21.60
C HIS A 95 16.75 -0.26 20.57
N ILE A 96 16.47 -0.88 19.43
CA ILE A 96 15.74 -0.20 18.37
C ILE A 96 14.33 0.17 18.78
N VAL A 97 13.59 -0.79 19.33
CA VAL A 97 12.22 -0.53 19.82
C VAL A 97 12.24 0.58 20.91
N ASN A 98 13.22 0.51 21.81
CA ASN A 98 13.39 1.56 22.86
C ASN A 98 13.63 2.94 22.26
N ALA A 99 14.44 3.00 21.22
CA ALA A 99 14.71 4.26 20.56
C ALA A 99 13.44 4.79 19.90
N TYR A 100 12.67 3.90 19.26
CA TYR A 100 11.38 4.27 18.72
C TYR A 100 10.46 4.78 19.76
N ASP A 101 10.42 4.12 20.91
CA ASP A 101 9.57 4.58 21.97
C ASP A 101 9.97 6.02 22.45
N THR A 102 11.27 6.29 22.54
CA THR A 102 11.76 7.61 22.97
C THR A 102 11.37 8.64 21.93
N ALA A 103 11.60 8.27 20.67
CA ALA A 103 11.35 9.18 19.56
C ALA A 103 9.85 9.49 19.53
N ILE A 104 9.01 8.47 19.73
CA ILE A 104 7.56 8.68 19.66
C ILE A 104 7.17 9.62 20.78
N GLU A 105 7.71 9.35 21.96
CA GLU A 105 7.34 10.14 23.13
C GLU A 105 7.67 11.60 22.95
N ASP A 106 8.85 11.85 22.41
CA ASP A 106 9.35 13.21 22.28
C ASP A 106 8.93 13.86 20.99
N GLN A 107 8.21 13.14 20.14
CA GLN A 107 7.98 13.51 18.74
C GLN A 107 9.22 13.95 18.01
N SER A 108 10.25 13.13 18.11
CA SER A 108 11.52 13.42 17.43
C SER A 108 11.53 12.62 16.16
N PRO A 109 12.13 13.17 15.08
CA PRO A 109 12.43 12.30 13.94
C PRO A 109 13.35 11.17 14.37
N ILE A 110 13.35 10.05 13.64
CA ILE A 110 14.18 8.90 13.97
C ILE A 110 14.84 8.41 12.69
N VAL A 111 16.17 8.30 12.76
CA VAL A 111 16.98 7.93 11.62
C VAL A 111 17.64 6.58 11.93
N GLY A 112 17.49 5.61 11.02
CA GLY A 112 18.21 4.34 11.15
C GLY A 112 19.34 4.31 10.13
N ILE A 113 20.51 3.86 10.59
CA ILE A 113 21.68 3.67 9.72
C ILE A 113 21.92 2.16 9.61
N TRP A 114 21.79 1.64 8.39
CA TRP A 114 21.80 0.20 8.15
C TRP A 114 23.18 -0.40 7.90
N HIS A 115 23.21 -1.70 8.03
CA HIS A 115 24.35 -2.53 7.77
C HIS A 115 24.07 -3.76 8.54
N SER A 116 23.27 -4.61 7.98
CA SER A 116 22.81 -5.80 8.68
C SER A 116 22.49 -6.89 7.65
N GLY A 117 23.05 -8.09 7.87
CA GLY A 117 22.74 -9.32 7.08
C GLY A 117 21.37 -9.99 7.26
N GLY A 118 20.58 -9.55 8.22
CA GLY A 118 19.30 -10.23 8.54
C GLY A 118 19.21 -10.57 10.02
N ALA A 119 18.30 -11.44 10.38
CA ALA A 119 18.14 -11.80 11.78
C ALA A 119 19.21 -12.85 12.18
N ARG A 120 19.64 -12.86 13.45
CA ARG A 120 20.62 -13.89 13.93
C ARG A 120 19.97 -15.27 13.94
N LEU A 121 20.39 -16.09 12.96
CA LEU A 121 19.82 -17.43 12.74
C LEU A 121 19.87 -18.27 14.02
N ALA A 122 20.99 -18.22 14.74
CA ALA A 122 21.16 -19.05 15.92
C ALA A 122 20.15 -18.69 16.99
N GLU A 123 19.59 -17.47 16.97
CA GLU A 123 18.57 -17.07 17.97
C GLU A 123 17.15 -17.54 17.55
N GLY A 124 17.01 -18.19 16.41
CA GLY A 124 15.73 -18.85 16.10
C GLY A 124 14.53 -17.90 16.05
N VAL A 125 13.39 -18.41 16.51
CA VAL A 125 12.15 -17.65 16.51
C VAL A 125 12.25 -16.45 17.47
N ARG A 126 13.04 -16.57 18.55
CA ARG A 126 13.24 -15.35 19.37
C ARG A 126 13.68 -14.12 18.57
N ALA A 127 14.63 -14.32 17.65
CA ALA A 127 15.05 -13.16 16.85
C ALA A 127 14.01 -12.76 15.81
N LEU A 128 13.25 -13.70 15.28
CA LEU A 128 12.18 -13.29 14.32
C LEU A 128 11.16 -12.40 15.00
N HIS A 129 10.72 -12.83 16.17
CA HIS A 129 9.83 -12.05 17.05
C HIS A 129 10.41 -10.63 17.31
N ALA A 130 11.66 -10.56 17.73
CA ALA A 130 12.29 -9.27 18.05
C ALA A 130 12.34 -8.38 16.79
N VAL A 131 12.64 -8.97 15.63
CA VAL A 131 12.63 -8.19 14.40
C VAL A 131 11.18 -7.73 14.12
N GLY A 132 10.20 -8.62 14.30
CA GLY A 132 8.77 -8.20 14.08
C GLY A 132 8.44 -7.01 15.00
N GLN A 133 9.01 -7.03 16.22
CA GLN A 133 8.77 -5.90 17.17
C GLN A 133 9.35 -4.59 16.68
N VAL A 134 10.45 -4.65 15.95
CA VAL A 134 11.00 -3.46 15.31
C VAL A 134 10.03 -2.93 14.26
N PHE A 135 9.50 -3.82 13.43
CA PHE A 135 8.50 -3.45 12.41
C PHE A 135 7.29 -2.81 13.08
N GLU A 136 6.83 -3.42 14.17
CA GLU A 136 5.64 -2.93 14.85
C GLU A 136 5.88 -1.50 15.40
N ALA A 137 7.06 -1.24 15.95
CA ALA A 137 7.40 0.12 16.37
C ALA A 137 7.43 1.09 15.17
N MET A 138 7.98 0.70 14.00
CA MET A 138 7.98 1.60 12.81
C MET A 138 6.56 1.87 12.35
N ILE A 139 5.71 0.88 12.48
CA ILE A 139 4.29 1.01 12.06
C ILE A 139 3.55 1.96 13.06
N ARG A 140 3.87 1.84 14.36
CA ARG A 140 3.35 2.80 15.36
C ARG A 140 3.75 4.26 15.04
N ALA A 141 5.00 4.41 14.64
CA ALA A 141 5.59 5.72 14.31
C ALA A 141 5.08 6.28 12.98
N SER A 142 4.52 5.40 12.16
CA SER A 142 4.22 5.70 10.79
C SER A 142 3.30 6.90 10.65
N GLY A 143 3.78 7.97 10.02
CA GLY A 143 2.93 9.15 9.78
C GLY A 143 2.93 10.03 10.98
N TYR A 144 3.59 9.63 12.06
CA TYR A 144 3.57 10.41 13.30
C TYR A 144 4.85 11.12 13.57
N ILE A 145 5.97 10.42 13.44
CA ILE A 145 7.27 11.08 13.40
C ILE A 145 7.96 10.73 12.10
N PRO A 146 8.79 11.64 11.54
CA PRO A 146 9.49 11.30 10.32
C PRO A 146 10.49 10.12 10.57
N GLN A 147 10.51 9.14 9.67
CA GLN A 147 11.44 7.98 9.76
C GLN A 147 12.29 7.98 8.51
N ILE A 148 13.62 8.11 8.66
CA ILE A 148 14.48 8.22 7.48
C ILE A 148 15.48 7.07 7.61
N SER A 149 15.72 6.30 6.56
CA SER A 149 16.70 5.22 6.63
C SER A 149 17.89 5.61 5.79
N VAL A 150 19.09 5.46 6.37
CA VAL A 150 20.28 5.70 5.56
C VAL A 150 20.98 4.33 5.47
N VAL A 151 20.94 3.70 4.30
CA VAL A 151 21.47 2.37 4.14
C VAL A 151 22.92 2.53 3.75
N VAL A 152 23.82 1.98 4.57
CA VAL A 152 25.24 2.19 4.26
C VAL A 152 25.94 0.87 3.94
N GLY A 153 25.36 -0.26 4.32
CA GLY A 153 25.97 -1.57 3.98
C GLY A 153 24.79 -2.42 3.55
N PHE A 154 24.76 -3.68 3.97
CA PHE A 154 23.54 -4.45 3.67
C PHE A 154 22.32 -4.07 4.48
N ALA A 155 21.17 -4.35 3.90
CA ALA A 155 19.97 -4.49 4.69
C ALA A 155 19.37 -5.69 3.95
N ALA A 156 19.59 -6.88 4.50
CA ALA A 156 19.19 -8.12 3.86
C ALA A 156 18.22 -8.90 4.77
N GLY A 157 17.53 -9.88 4.18
CA GLY A 157 16.64 -10.79 4.91
C GLY A 157 15.65 -9.92 5.64
N GLY A 158 15.42 -10.25 6.90
CA GLY A 158 14.41 -9.51 7.66
C GLY A 158 14.80 -8.06 7.80
N ALA A 159 16.10 -7.73 7.69
CA ALA A 159 16.46 -6.32 7.76
C ALA A 159 16.08 -5.50 6.54
N ALA A 160 15.72 -6.09 5.41
CA ALA A 160 15.41 -5.27 4.22
C ALA A 160 14.05 -4.58 4.42
N TYR A 161 13.22 -5.17 5.23
CA TYR A 161 11.90 -4.57 5.33
C TYR A 161 11.86 -3.36 6.21
N GLY A 162 12.84 -3.28 7.08
CA GLY A 162 12.98 -2.16 8.01
C GLY A 162 13.01 -0.83 7.24
N PRO A 163 14.05 -0.59 6.40
CA PRO A 163 13.96 0.62 5.60
C PRO A 163 12.65 0.76 4.80
N ALA A 164 12.11 -0.33 4.27
CA ALA A 164 10.87 -0.24 3.46
C ALA A 164 9.72 0.30 4.26
N LEU A 165 9.70 0.09 5.57
CA LEU A 165 8.61 0.66 6.40
C LEU A 165 8.79 2.11 6.70
N THR A 166 9.96 2.69 6.44
CA THR A 166 10.20 4.10 6.81
C THR A 166 9.76 5.02 5.70
N ASP A 167 9.95 6.31 5.89
CA ASP A 167 9.38 7.27 4.96
C ASP A 167 10.29 7.59 3.80
N VAL A 168 11.58 7.71 4.00
CA VAL A 168 12.50 8.00 2.90
C VAL A 168 13.76 7.11 3.07
N VAL A 169 14.15 6.45 2.00
CA VAL A 169 15.34 5.60 2.00
C VAL A 169 16.45 6.25 1.19
N VAL A 170 17.59 6.48 1.82
CA VAL A 170 18.80 7.00 1.19
C VAL A 170 19.77 5.84 1.09
N MET A 171 20.24 5.49 -0.11
CA MET A 171 21.24 4.40 -0.23
C MET A 171 22.62 4.95 -0.63
N ALA A 172 23.65 4.57 0.12
CA ALA A 172 25.04 4.88 -0.22
C ALA A 172 25.53 3.88 -1.29
N PRO A 173 26.58 4.23 -2.07
CA PRO A 173 27.04 3.33 -3.17
C PRO A 173 27.27 1.86 -2.79
N GLU A 174 27.76 1.61 -1.58
CA GLU A 174 28.10 0.21 -1.16
C GLU A 174 26.90 -0.54 -0.63
N SER A 175 25.78 0.13 -0.49
CA SER A 175 24.66 -0.53 0.19
C SER A 175 23.89 -1.48 -0.73
N ARG A 176 23.21 -2.45 -0.11
CA ARG A 176 22.55 -3.52 -0.87
C ARG A 176 21.33 -3.89 -0.05
N VAL A 177 20.16 -3.84 -0.68
CA VAL A 177 18.89 -4.15 -0.03
C VAL A 177 18.24 -5.30 -0.81
N PHE A 178 18.01 -6.42 -0.15
CA PHE A 178 17.30 -7.52 -0.75
C PHE A 178 16.83 -8.46 0.34
N VAL A 179 15.76 -9.18 0.03
CA VAL A 179 15.15 -10.14 0.96
C VAL A 179 15.97 -11.41 0.94
N THR A 180 16.25 -11.98 -0.25
CA THR A 180 17.02 -13.25 -0.37
C THR A 180 18.23 -12.98 -1.30
N GLY A 181 19.41 -13.35 -0.84
CA GLY A 181 20.66 -13.12 -1.56
C GLY A 181 20.88 -13.91 -2.84
N PRO A 182 21.93 -13.54 -3.61
CA PRO A 182 22.13 -14.17 -4.94
C PRO A 182 22.30 -15.64 -4.80
N ASP A 183 22.92 -16.07 -3.70
CA ASP A 183 23.01 -17.46 -3.24
C ASP A 183 21.75 -18.25 -3.40
N VAL A 184 20.74 -17.82 -2.67
CA VAL A 184 19.46 -18.49 -2.67
C VAL A 184 18.71 -18.26 -4.00
N VAL A 185 18.83 -17.06 -4.56
CA VAL A 185 18.28 -16.80 -5.88
C VAL A 185 18.79 -17.81 -6.91
N ARG A 186 20.11 -17.90 -7.09
CA ARG A 186 20.70 -18.85 -8.03
C ARG A 186 20.26 -20.31 -7.72
N SER A 187 20.29 -20.72 -6.43
CA SER A 187 19.95 -22.10 -6.03
C SER A 187 18.49 -22.48 -6.29
N VAL A 188 17.55 -21.54 -6.07
CA VAL A 188 16.11 -21.77 -6.23
C VAL A 188 15.63 -21.54 -7.68
N THR A 189 16.13 -20.50 -8.33
CA THR A 189 15.67 -20.12 -9.70
C THR A 189 16.69 -20.36 -10.84
N GLY A 190 17.96 -20.63 -10.49
CA GLY A 190 18.96 -20.84 -11.53
C GLY A 190 19.58 -19.56 -12.07
N GLU A 191 18.99 -18.40 -11.78
CA GLU A 191 19.52 -17.13 -12.28
C GLU A 191 20.71 -16.71 -11.46
N ASP A 192 21.71 -16.15 -12.14
CA ASP A 192 23.01 -15.80 -11.53
C ASP A 192 23.29 -14.29 -11.60
N VAL A 193 23.12 -13.59 -10.48
CA VAL A 193 23.22 -12.11 -10.47
C VAL A 193 24.11 -11.74 -9.29
N ASP A 194 24.83 -10.63 -9.37
CA ASP A 194 25.67 -10.31 -8.18
C ASP A 194 24.88 -9.45 -7.20
N MET A 195 25.50 -9.15 -6.06
CA MET A 195 24.84 -8.38 -5.02
C MET A 195 24.42 -7.01 -5.51
N ALA A 196 25.33 -6.28 -6.16
CA ALA A 196 24.98 -4.95 -6.68
C ALA A 196 23.79 -5.01 -7.66
N SER A 197 23.85 -5.94 -8.59
CA SER A 197 22.79 -6.07 -9.58
C SER A 197 21.41 -6.50 -8.94
N LEU A 198 21.43 -7.40 -7.96
CA LEU A 198 20.21 -7.77 -7.27
C LEU A 198 19.57 -6.61 -6.44
N GLY A 199 20.40 -5.84 -5.73
CA GLY A 199 19.88 -4.95 -4.67
C GLY A 199 20.69 -3.71 -4.36
N GLY A 200 21.59 -3.37 -5.30
CA GLY A 200 22.35 -2.15 -5.27
C GLY A 200 21.50 -0.89 -5.44
N PRO A 201 22.14 0.29 -5.22
CA PRO A 201 21.35 1.52 -5.21
C PRO A 201 20.87 1.80 -6.64
N GLU A 202 21.68 1.45 -7.65
CA GLU A 202 21.23 1.64 -9.05
C GLU A 202 19.98 0.86 -9.35
N THR A 203 19.90 -0.40 -8.94
CA THR A 203 18.69 -1.13 -9.27
C THR A 203 17.47 -0.62 -8.45
N HIS A 204 17.66 -0.27 -7.19
CA HIS A 204 16.48 0.10 -6.41
C HIS A 204 16.01 1.52 -6.68
N HIS A 205 16.92 2.37 -7.21
CA HIS A 205 16.53 3.74 -7.64
C HIS A 205 15.79 3.74 -8.99
N LYS A 206 16.04 2.68 -9.80
CA LYS A 206 15.48 2.60 -11.15
C LYS A 206 14.32 1.61 -11.31
N LYS A 207 14.52 0.37 -10.90
CA LYS A 207 13.64 -0.74 -11.31
C LYS A 207 12.51 -0.84 -10.33
N SER A 208 12.79 -0.66 -9.05
CA SER A 208 11.82 -1.05 -8.03
C SER A 208 11.16 0.10 -7.32
N GLY A 209 11.77 1.30 -7.39
CA GLY A 209 11.31 2.46 -6.55
C GLY A 209 11.50 2.32 -5.04
N VAL A 210 12.20 1.31 -4.60
CA VAL A 210 12.50 1.13 -3.16
C VAL A 210 13.40 2.22 -2.58
N CYS A 211 14.41 2.64 -3.33
CA CYS A 211 15.34 3.69 -2.92
C CYS A 211 14.86 5.05 -3.40
N HIS A 212 14.61 5.98 -2.45
CA HIS A 212 14.23 7.34 -2.89
C HIS A 212 15.40 8.17 -3.37
N ILE A 213 16.53 8.10 -2.64
CA ILE A 213 17.60 8.99 -2.90
C ILE A 213 18.90 8.18 -2.96
N VAL A 214 19.78 8.48 -3.93
CA VAL A 214 21.12 7.83 -4.00
C VAL A 214 22.16 8.86 -3.69
N ALA A 215 23.03 8.52 -2.76
CA ALA A 215 24.12 9.38 -2.31
C ALA A 215 25.41 9.12 -3.06
N ASP A 216 26.31 10.10 -3.09
CA ASP A 216 27.59 9.95 -3.77
C ASP A 216 28.53 9.05 -2.98
N ASP A 217 28.37 9.05 -1.66
CA ASP A 217 29.22 8.24 -0.79
C ASP A 217 28.61 8.10 0.60
N GLU A 218 29.34 7.45 1.50
CA GLU A 218 28.87 7.25 2.86
C GLU A 218 28.58 8.59 3.54
N LEU A 219 29.51 9.52 3.43
CA LEU A 219 29.35 10.85 4.02
C LEU A 219 28.22 11.67 3.37
N ASP A 220 28.10 11.57 2.06
CA ASP A 220 27.08 12.30 1.37
C ASP A 220 25.74 11.69 1.75
N ALA A 221 25.70 10.39 2.03
CA ALA A 221 24.40 9.81 2.44
C ALA A 221 23.94 10.43 3.79
N TYR A 222 24.88 10.64 4.74
CA TYR A 222 24.53 11.33 5.99
C TYR A 222 24.04 12.78 5.72
N ASP A 223 24.78 13.52 4.88
CA ASP A 223 24.36 14.84 4.43
C ASP A 223 22.93 14.86 3.90
N ARG A 224 22.60 13.98 2.99
CA ARG A 224 21.24 13.95 2.47
C ARG A 224 20.21 13.63 3.56
N GLY A 225 20.54 12.73 4.47
CA GLY A 225 19.62 12.33 5.51
C GLY A 225 19.46 13.51 6.45
N ARG A 226 20.55 14.26 6.68
CA ARG A 226 20.49 15.44 7.55
C ARG A 226 19.58 16.47 6.90
N ARG A 227 19.70 16.65 5.59
CA ARG A 227 18.84 17.60 4.89
C ARG A 227 17.35 17.23 4.97
N LEU A 228 17.08 15.93 4.87
CA LEU A 228 15.72 15.36 5.00
C LEU A 228 15.15 15.61 6.40
N VAL A 229 15.98 15.45 7.47
CA VAL A 229 15.52 15.83 8.81
C VAL A 229 15.09 17.31 8.78
N GLY A 230 15.92 18.16 8.18
CA GLY A 230 15.61 19.55 8.05
C GLY A 230 14.30 19.84 7.31
N LEU A 231 14.08 19.18 6.17
CA LEU A 231 12.86 19.34 5.39
C LEU A 231 11.61 18.98 6.19
N PHE A 232 11.67 17.86 6.92
CA PHE A 232 10.52 17.41 7.72
C PHE A 232 10.32 18.18 9.02
N CYS A 233 11.39 18.63 9.64
CA CYS A 233 11.29 19.11 11.02
C CYS A 233 11.58 20.58 11.12
N GLN A 234 12.12 21.19 10.08
CA GLN A 234 12.24 22.66 10.09
C GLN A 234 11.53 23.15 8.82
N GLN A 235 10.22 23.00 8.82
CA GLN A 235 9.44 23.26 7.60
C GLN A 235 9.37 24.73 7.23
N GLY A 236 9.65 25.64 8.18
CA GLY A 236 9.71 27.07 7.86
C GLY A 236 8.32 27.67 7.67
N HIS A 237 8.24 28.82 7.01
CA HIS A 237 6.97 29.47 6.75
C HIS A 237 7.10 30.14 5.39
N PHE A 238 5.96 30.37 4.75
CA PHE A 238 5.98 31.13 3.52
C PHE A 238 6.33 32.60 3.76
N ASP A 239 7.01 33.20 2.82
CA ASP A 239 7.41 34.60 2.97
C ASP A 239 7.13 35.29 1.65
N ARG A 240 6.09 36.11 1.64
CA ARG A 240 5.69 36.75 0.40
C ARG A 240 6.84 37.52 -0.31
N SER A 241 7.63 38.25 0.47
CA SER A 241 8.71 39.06 -0.04
C SER A 241 9.79 38.19 -0.80
N LYS A 242 10.21 37.12 -0.15
CA LYS A 242 11.09 36.12 -0.76
C LYS A 242 10.50 35.43 -1.98
N ALA A 243 9.19 35.10 -1.99
CA ALA A 243 8.55 34.52 -3.15
C ALA A 243 8.68 35.43 -4.39
N GLU A 244 8.33 36.70 -4.18
CA GLU A 244 8.28 37.68 -5.26
C GLU A 244 9.67 38.04 -5.76
N ALA A 245 10.66 38.04 -4.86
CA ALA A 245 12.02 38.37 -5.25
C ALA A 245 12.55 37.31 -6.20
N GLY A 246 12.15 36.05 -6.02
CA GLY A 246 12.55 34.97 -6.94
C GLY A 246 11.73 34.76 -8.23
N ASP A 247 10.67 35.54 -8.44
CA ASP A 247 9.85 35.45 -9.69
C ASP A 247 10.73 35.55 -10.95
N THR A 248 10.58 34.62 -11.88
CA THR A 248 11.27 34.78 -13.19
C THR A 248 10.24 34.45 -14.25
N ASP A 249 10.58 34.66 -15.53
CA ASP A 249 9.71 34.15 -16.61
C ASP A 249 9.75 32.62 -16.78
N ILE A 250 9.05 31.84 -15.94
CA ILE A 250 9.18 30.35 -16.02
C ILE A 250 8.79 29.80 -17.41
N HIS A 251 7.86 30.47 -18.08
CA HIS A 251 7.35 29.99 -19.38
C HIS A 251 8.43 30.01 -20.46
N ALA A 252 9.46 30.82 -20.30
CA ALA A 252 10.54 30.88 -21.29
C ALA A 252 11.31 29.59 -21.33
N LEU A 253 11.16 28.75 -20.31
CA LEU A 253 11.88 27.47 -20.27
C LEU A 253 11.26 26.37 -21.12
N LEU A 254 10.02 26.54 -21.55
CA LEU A 254 9.34 25.58 -22.44
C LEU A 254 9.83 25.73 -23.85
N PRO A 255 9.78 24.64 -24.62
CA PRO A 255 10.21 24.71 -26.01
C PRO A 255 9.27 25.55 -26.84
N GLU A 256 9.82 26.13 -27.91
CA GLU A 256 9.06 26.88 -28.92
C GLU A 256 7.79 26.14 -29.43
N SER A 257 7.93 24.87 -29.74
CA SER A 257 6.84 24.06 -30.29
C SER A 257 6.05 23.43 -29.14
N SER A 258 4.73 23.57 -29.11
CA SER A 258 4.00 22.77 -28.11
C SER A 258 3.89 21.26 -28.47
N ARG A 259 4.39 20.88 -29.65
CA ARG A 259 4.51 19.45 -29.98
C ARG A 259 5.72 18.85 -29.22
N ARG A 260 6.77 19.65 -29.04
CA ARG A 260 8.08 19.21 -28.51
C ARG A 260 8.10 18.76 -27.02
N ALA A 261 8.66 17.58 -26.71
CA ALA A 261 8.97 17.15 -25.33
C ALA A 261 10.02 18.06 -24.71
N TYR A 262 10.10 18.07 -23.39
CA TYR A 262 11.04 18.90 -22.67
C TYR A 262 11.08 18.54 -21.19
N ASP A 263 12.28 18.47 -20.62
CA ASP A 263 12.45 18.13 -19.21
C ASP A 263 11.80 19.15 -18.29
N VAL A 264 10.82 18.71 -17.50
CA VAL A 264 10.15 19.57 -16.59
C VAL A 264 11.03 20.00 -15.43
N ARG A 265 12.15 19.35 -15.20
CA ARG A 265 12.88 19.59 -13.91
C ARG A 265 13.46 21.00 -13.74
N PRO A 266 13.93 21.60 -14.86
CA PRO A 266 14.27 23.05 -14.80
C PRO A 266 13.10 23.98 -14.43
N ILE A 267 11.88 23.59 -14.81
CA ILE A 267 10.70 24.41 -14.48
C ILE A 267 10.48 24.35 -12.97
N VAL A 268 10.50 23.12 -12.42
CA VAL A 268 10.41 22.88 -10.99
C VAL A 268 11.47 23.68 -10.22
N THR A 269 12.71 23.59 -10.65
CA THR A 269 13.78 24.25 -9.91
C THR A 269 13.69 25.76 -10.10
N ALA A 270 13.04 26.21 -11.19
CA ALA A 270 12.85 27.67 -11.33
C ALA A 270 11.76 28.22 -10.37
N ILE A 271 10.80 27.39 -10.03
CA ILE A 271 9.73 27.78 -9.10
C ILE A 271 10.28 27.77 -7.68
N LEU A 272 11.03 26.72 -7.35
CA LEU A 272 11.59 26.56 -5.99
C LEU A 272 12.77 27.49 -5.77
N ASP A 273 13.13 27.69 -4.48
CA ASP A 273 14.19 28.64 -4.11
C ASP A 273 15.52 28.25 -4.77
N ALA A 274 16.15 29.21 -5.44
CA ALA A 274 17.40 28.99 -6.22
C ALA A 274 18.55 28.59 -5.32
N ASP A 275 18.45 28.93 -4.04
CA ASP A 275 19.51 28.57 -3.09
C ASP A 275 19.45 27.15 -2.46
N THR A 276 18.50 26.29 -2.85
CA THR A 276 18.19 25.12 -2.03
C THR A 276 18.16 23.93 -2.97
N PRO A 277 18.68 22.79 -2.54
CA PRO A 277 18.54 21.60 -3.31
C PRO A 277 17.09 21.26 -3.53
N PHE A 278 16.79 20.78 -4.73
CA PHE A 278 15.52 20.05 -4.96
C PHE A 278 15.82 18.57 -4.72
N ASP A 279 15.31 18.04 -3.63
CA ASP A 279 15.56 16.65 -3.29
C ASP A 279 14.55 15.73 -3.99
N GLU A 280 14.87 15.43 -5.26
CA GLU A 280 14.00 14.59 -6.06
C GLU A 280 13.92 13.16 -5.49
N PHE A 281 12.74 12.55 -5.44
CA PHE A 281 12.64 11.13 -4.98
C PHE A 281 12.56 10.22 -6.20
N GLN A 282 13.23 9.06 -6.16
CA GLN A 282 12.96 7.98 -7.18
C GLN A 282 13.08 8.49 -8.60
N ALA A 283 14.10 9.30 -8.87
CA ALA A 283 14.29 9.96 -10.19
C ALA A 283 14.24 8.99 -11.33
N ASN A 284 14.78 7.79 -11.14
CA ASN A 284 14.90 6.86 -12.29
C ASN A 284 13.79 5.85 -12.42
N TRP A 285 12.86 5.89 -11.47
CA TRP A 285 11.73 4.97 -11.43
C TRP A 285 10.48 5.78 -11.85
N ALA A 286 9.72 5.25 -12.82
CA ALA A 286 8.49 5.98 -13.25
C ALA A 286 8.82 7.45 -13.56
N PRO A 287 9.78 7.69 -14.44
CA PRO A 287 10.25 9.07 -14.59
C PRO A 287 9.32 9.99 -15.42
N SER A 288 8.19 9.47 -15.92
CA SER A 288 7.18 10.37 -16.53
C SER A 288 6.51 11.20 -15.40
N MET A 289 6.74 10.81 -14.14
CA MET A 289 6.33 11.59 -12.96
C MET A 289 7.59 12.01 -12.16
N VAL A 290 7.64 13.28 -11.83
CA VAL A 290 8.75 13.81 -11.02
C VAL A 290 8.15 14.19 -9.68
N VAL A 291 8.69 13.66 -8.58
CA VAL A 291 8.27 14.14 -7.27
C VAL A 291 9.49 14.42 -6.42
N GLY A 292 9.33 15.30 -5.45
CA GLY A 292 10.38 15.53 -4.48
C GLY A 292 10.07 16.74 -3.60
N LEU A 293 11.00 16.96 -2.67
CA LEU A 293 10.86 18.00 -1.64
C LEU A 293 11.84 19.13 -1.92
N GLY A 294 11.41 20.36 -1.68
CA GLY A 294 12.29 21.51 -1.86
C GLY A 294 11.73 22.60 -0.98
N ARG A 295 12.12 23.85 -1.26
CA ARG A 295 11.63 24.95 -0.43
C ARG A 295 11.08 26.02 -1.33
N LEU A 296 9.99 26.62 -0.87
CA LEU A 296 9.35 27.69 -1.61
C LEU A 296 9.22 28.87 -0.64
N SER A 297 10.03 29.89 -0.92
CA SER A 297 10.26 31.07 -0.03
C SER A 297 10.61 30.62 1.40
N GLY A 298 11.33 29.50 1.52
CA GLY A 298 11.81 29.04 2.83
C GLY A 298 11.05 27.85 3.36
N ARG A 299 9.86 27.64 2.83
CA ARG A 299 8.91 26.66 3.39
C ARG A 299 9.04 25.34 2.64
N THR A 300 9.18 24.23 3.37
CA THR A 300 9.18 22.88 2.74
C THR A 300 7.87 22.69 1.96
N VAL A 301 7.99 22.38 0.67
CA VAL A 301 6.92 21.93 -0.18
C VAL A 301 7.28 20.63 -0.90
N GLY A 302 6.25 19.82 -1.19
CA GLY A 302 6.38 18.73 -2.12
C GLY A 302 5.92 19.17 -3.50
N VAL A 303 6.61 18.68 -4.52
CA VAL A 303 6.33 19.01 -5.91
C VAL A 303 5.98 17.73 -6.61
N LEU A 304 4.91 17.74 -7.40
CA LEU A 304 4.61 16.62 -8.34
C LEU A 304 4.52 17.26 -9.70
N ALA A 305 5.18 16.70 -10.70
CA ALA A 305 5.20 17.32 -12.02
C ALA A 305 5.26 16.25 -13.05
N ASN A 306 4.27 16.19 -13.96
CA ASN A 306 4.43 15.27 -15.15
C ASN A 306 5.67 15.69 -15.90
N ASN A 307 6.43 14.74 -16.43
CA ASN A 307 7.62 15.13 -17.16
C ASN A 307 7.51 14.71 -18.61
N PRO A 308 7.23 15.67 -19.53
CA PRO A 308 6.99 15.28 -20.93
C PRO A 308 8.19 14.62 -21.59
N LEU A 309 9.36 14.75 -20.95
CA LEU A 309 10.59 14.09 -21.41
C LEU A 309 10.44 12.56 -21.54
N ARG A 310 9.61 11.94 -20.68
CA ARG A 310 9.47 10.48 -20.69
C ARG A 310 8.01 10.10 -20.92
N LEU A 311 7.77 9.17 -21.85
CA LEU A 311 6.45 8.71 -22.28
C LEU A 311 5.46 9.86 -22.53
N GLY A 312 5.92 10.99 -23.07
CA GLY A 312 5.01 12.13 -23.36
C GLY A 312 4.49 12.81 -22.10
N GLY A 313 5.01 12.41 -20.93
CA GLY A 313 4.50 12.90 -19.66
C GLY A 313 3.22 12.19 -19.23
N CYS A 314 2.86 11.11 -19.93
CA CYS A 314 1.66 10.32 -19.62
C CYS A 314 1.72 9.66 -18.25
N LEU A 315 0.55 9.53 -17.62
CA LEU A 315 0.47 8.71 -16.43
C LEU A 315 0.45 7.24 -16.84
N ASN A 316 0.87 6.35 -15.94
CA ASN A 316 0.78 4.92 -16.19
C ASN A 316 0.81 4.27 -14.81
N SER A 317 0.82 2.95 -14.76
CA SER A 317 0.68 2.30 -13.49
C SER A 317 1.73 2.76 -12.43
N GLU A 318 3.00 2.71 -12.78
CA GLU A 318 4.03 3.00 -11.77
C GLU A 318 4.12 4.53 -11.50
N SER A 319 3.84 5.41 -12.48
CA SER A 319 3.91 6.84 -12.18
C SER A 319 2.74 7.24 -11.29
N ALA A 320 1.58 6.56 -11.43
CA ALA A 320 0.44 6.85 -10.56
C ALA A 320 0.73 6.41 -9.12
N GLU A 321 1.35 5.24 -8.98
CA GLU A 321 1.83 4.75 -7.71
C GLU A 321 2.87 5.71 -7.05
N LYS A 322 3.84 6.19 -7.82
CA LYS A 322 4.86 7.10 -7.31
C LYS A 322 4.22 8.38 -6.77
N ALA A 323 3.29 8.95 -7.53
CA ALA A 323 2.63 10.19 -7.14
C ALA A 323 1.78 9.95 -5.90
N ALA A 324 1.01 8.88 -5.91
CA ALA A 324 0.08 8.61 -4.81
C ALA A 324 0.85 8.46 -3.51
N ARG A 325 1.90 7.63 -3.52
CA ARG A 325 2.76 7.47 -2.31
C ARG A 325 3.27 8.83 -1.85
N PHE A 326 3.75 9.66 -2.77
CA PHE A 326 4.35 10.90 -2.39
C PHE A 326 3.29 11.87 -1.80
N VAL A 327 2.14 11.93 -2.40
CA VAL A 327 1.02 12.77 -1.84
C VAL A 327 0.73 12.37 -0.39
N ARG A 328 0.61 11.07 -0.14
CA ARG A 328 0.30 10.56 1.21
C ARG A 328 1.36 10.89 2.21
N LEU A 329 2.61 10.80 1.79
CA LEU A 329 3.71 11.22 2.67
C LEU A 329 3.60 12.71 3.06
N CYS A 330 3.46 13.60 2.07
CA CYS A 330 3.43 15.03 2.36
C CYS A 330 2.21 15.34 3.20
N ASP A 331 1.11 14.68 2.87
CA ASP A 331 -0.13 14.89 3.60
C ASP A 331 0.04 14.54 5.09
N ALA A 332 0.75 13.42 5.37
CA ALA A 332 0.99 12.97 6.75
C ALA A 332 1.77 13.99 7.58
N PHE A 333 2.69 14.71 6.93
CA PHE A 333 3.61 15.58 7.66
C PHE A 333 3.32 17.06 7.53
N GLY A 334 2.17 17.38 6.93
CA GLY A 334 1.70 18.78 6.85
C GLY A 334 2.48 19.57 5.80
N ILE A 335 3.06 18.88 4.81
CA ILE A 335 3.86 19.53 3.78
C ILE A 335 2.95 19.90 2.59
N PRO A 336 2.81 21.22 2.25
CA PRO A 336 1.93 21.63 1.11
C PRO A 336 2.48 21.16 -0.21
N LEU A 337 1.64 21.06 -1.22
CA LEU A 337 1.98 20.54 -2.55
C LEU A 337 1.87 21.54 -3.67
N VAL A 338 2.85 21.47 -4.57
CA VAL A 338 2.79 22.21 -5.83
C VAL A 338 2.68 21.17 -6.92
N VAL A 339 1.60 21.23 -7.70
CA VAL A 339 1.36 20.20 -8.71
C VAL A 339 1.43 20.85 -10.09
N VAL A 340 2.44 20.48 -10.89
CA VAL A 340 2.70 21.14 -12.17
C VAL A 340 2.29 20.16 -13.27
N VAL A 341 1.33 20.55 -14.07
CA VAL A 341 0.58 19.64 -14.90
C VAL A 341 0.76 19.89 -16.37
N ASP A 342 1.15 18.84 -17.10
CA ASP A 342 1.36 18.94 -18.54
C ASP A 342 1.33 17.57 -19.19
N VAL A 343 0.32 16.77 -18.84
CA VAL A 343 0.17 15.43 -19.38
C VAL A 343 -0.98 15.34 -20.38
N PRO A 344 -0.90 14.36 -21.28
CA PRO A 344 -1.94 14.15 -22.28
C PRO A 344 -2.83 12.98 -22.09
N GLY A 345 -2.68 12.24 -21.00
CA GLY A 345 -3.47 11.06 -20.81
C GLY A 345 -2.75 9.98 -20.06
N TYR A 346 -3.27 8.77 -20.04
CA TYR A 346 -2.59 7.69 -19.33
C TYR A 346 -2.38 6.51 -20.29
N LEU A 347 -1.58 5.51 -19.90
CA LEU A 347 -1.19 4.37 -20.82
C LEU A 347 -1.52 2.94 -20.33
N TRP A 354 -4.62 -3.43 -18.61
CA TRP A 354 -5.22 -2.31 -17.78
C TRP A 354 -5.26 -2.41 -16.27
N GLY A 355 -5.18 -3.63 -15.75
CA GLY A 355 -5.37 -3.83 -14.30
C GLY A 355 -4.49 -2.92 -13.46
N GLY A 356 -3.23 -2.75 -13.85
CA GLY A 356 -2.29 -2.06 -12.93
C GLY A 356 -2.72 -0.62 -12.90
N VAL A 357 -3.00 -0.07 -14.08
CA VAL A 357 -3.17 1.37 -14.18
C VAL A 357 -4.56 1.76 -13.58
N VAL A 358 -5.56 0.88 -13.71
CA VAL A 358 -6.89 1.16 -13.13
C VAL A 358 -6.75 1.19 -11.58
N ARG A 359 -6.09 0.18 -11.02
CA ARG A 359 -5.85 0.11 -9.58
C ARG A 359 -5.00 1.28 -9.10
N ARG A 360 -3.83 1.52 -9.74
CA ARG A 360 -2.95 2.61 -9.30
C ARG A 360 -3.53 3.95 -9.57
N GLY A 361 -4.22 4.10 -10.71
CA GLY A 361 -4.88 5.37 -11.01
C GLY A 361 -5.93 5.66 -9.92
N ALA A 362 -6.69 4.64 -9.52
CA ALA A 362 -7.63 4.87 -8.38
C ALA A 362 -6.93 5.32 -7.11
N LYS A 363 -5.74 4.77 -6.85
CA LYS A 363 -4.95 5.14 -5.68
C LYS A 363 -4.61 6.63 -5.73
N LEU A 364 -4.19 7.09 -6.90
CA LEU A 364 -3.87 8.51 -7.08
C LEU A 364 -5.09 9.36 -6.78
N LEU A 365 -6.19 9.09 -7.48
CA LEU A 365 -7.47 9.82 -7.24
C LEU A 365 -7.76 9.91 -5.74
N HIS A 366 -7.72 8.76 -5.08
CA HIS A 366 -7.95 8.64 -3.67
C HIS A 366 -6.98 9.44 -2.81
N ALA A 367 -5.66 9.37 -3.12
CA ALA A 367 -4.65 10.14 -2.43
C ALA A 367 -4.92 11.65 -2.50
N PHE A 368 -5.16 12.18 -3.69
CA PHE A 368 -5.45 13.59 -3.79
C PHE A 368 -6.78 13.91 -3.11
N GLY A 369 -7.80 13.11 -3.36
CA GLY A 369 -9.15 13.36 -2.80
C GLY A 369 -9.21 13.42 -1.28
N GLU A 370 -8.41 12.61 -0.61
CA GLU A 370 -8.36 12.61 0.87
C GLU A 370 -7.38 13.62 1.43
N CYS A 371 -6.48 14.12 0.59
CA CYS A 371 -5.45 15.03 1.01
C CYS A 371 -6.04 16.24 1.70
N THR A 372 -5.47 16.67 2.81
CA THR A 372 -5.96 17.82 3.53
C THR A 372 -4.92 18.95 3.58
N VAL A 373 -3.70 18.68 3.12
CA VAL A 373 -2.68 19.75 3.05
C VAL A 373 -2.99 20.70 1.91
N PRO A 374 -2.65 22.01 2.10
CA PRO A 374 -2.83 22.89 0.96
C PRO A 374 -2.05 22.34 -0.25
N ARG A 375 -2.70 22.39 -1.43
CA ARG A 375 -2.07 21.98 -2.65
C ARG A 375 -2.55 22.68 -3.89
N VAL A 376 -1.65 23.35 -4.59
CA VAL A 376 -2.06 24.15 -5.73
C VAL A 376 -1.61 23.48 -7.01
N THR A 377 -2.38 23.67 -8.08
CA THR A 377 -2.07 23.06 -9.34
C THR A 377 -1.76 24.13 -10.36
N LEU A 378 -0.72 23.92 -11.17
CA LEU A 378 -0.43 24.83 -12.25
C LEU A 378 -0.50 24.09 -13.56
N VAL A 379 -1.36 24.52 -14.48
CA VAL A 379 -1.43 23.89 -15.79
C VAL A 379 -0.55 24.71 -16.73
N THR A 380 0.54 24.09 -17.16
CA THR A 380 1.51 24.76 -18.03
C THR A 380 1.08 24.63 -19.50
N ARG A 381 1.04 23.43 -20.08
CA ARG A 381 0.62 23.37 -21.49
C ARG A 381 -0.69 22.65 -21.61
N LYS A 382 -0.75 21.39 -21.24
CA LYS A 382 -1.97 20.67 -21.50
C LYS A 382 -2.38 19.78 -20.32
N THR A 383 -3.70 19.57 -20.17
CA THR A 383 -4.20 18.49 -19.31
C THR A 383 -5.41 17.91 -19.98
N TYR A 384 -5.41 16.59 -20.20
CA TYR A 384 -6.54 15.96 -20.88
C TYR A 384 -7.18 14.85 -20.09
N GLY A 385 -8.48 14.67 -20.29
CA GLY A 385 -9.15 13.43 -19.94
C GLY A 385 -9.05 13.04 -18.48
N GLY A 386 -8.97 11.75 -18.25
CA GLY A 386 -8.88 11.20 -16.91
C GLY A 386 -7.62 11.65 -16.20
N ALA A 387 -6.50 11.83 -16.91
CA ALA A 387 -5.28 12.33 -16.28
C ALA A 387 -5.53 13.72 -15.70
N TYR A 388 -6.30 14.55 -16.42
CA TYR A 388 -6.65 15.90 -15.96
C TYR A 388 -7.30 15.76 -14.57
N ILE A 389 -8.23 14.83 -14.44
CA ILE A 389 -9.00 14.70 -13.15
C ILE A 389 -8.02 14.32 -12.09
N ALA A 390 -7.15 13.35 -12.39
CA ALA A 390 -6.24 12.84 -11.35
C ALA A 390 -5.19 13.84 -10.86
N MET A 391 -4.74 14.77 -11.73
CA MET A 391 -3.62 15.69 -11.41
C MET A 391 -4.09 16.90 -10.62
N ASN A 392 -4.57 16.61 -9.42
CA ASN A 392 -5.06 17.60 -8.47
C ASN A 392 -6.09 18.58 -9.08
N SER A 393 -7.18 18.01 -9.61
CA SER A 393 -8.19 18.85 -10.24
C SER A 393 -9.09 19.47 -9.20
N ARG A 394 -9.89 20.43 -9.63
CA ARG A 394 -10.84 21.07 -8.76
C ARG A 394 -11.85 20.05 -8.19
N SER A 395 -12.18 19.03 -8.97
CA SER A 395 -13.17 18.04 -8.52
C SER A 395 -12.63 17.19 -7.33
N LEU A 396 -11.32 17.15 -7.22
CA LEU A 396 -10.70 16.45 -6.11
C LEU A 396 -10.31 17.45 -4.98
N ASN A 397 -10.82 18.67 -5.10
CA ASN A 397 -10.63 19.68 -4.07
C ASN A 397 -9.28 20.41 -4.02
N ALA A 398 -8.59 20.52 -5.16
CA ALA A 398 -7.38 21.34 -5.18
C ALA A 398 -7.63 22.69 -4.46
N THR A 399 -6.61 23.20 -3.81
CA THR A 399 -6.74 24.50 -3.08
C THR A 399 -7.01 25.61 -4.07
N LYS A 400 -6.23 25.62 -5.16
CA LYS A 400 -6.49 26.60 -6.23
C LYS A 400 -5.82 26.04 -7.48
N VAL A 401 -6.43 26.30 -8.65
CA VAL A 401 -5.90 25.88 -9.93
C VAL A 401 -5.55 27.11 -10.79
N PHE A 402 -4.25 27.20 -11.17
CA PHE A 402 -3.76 28.26 -12.03
C PHE A 402 -3.48 27.66 -13.39
N ALA A 403 -3.50 28.51 -14.43
CA ALA A 403 -3.07 28.08 -15.77
C ALA A 403 -2.31 29.16 -16.45
N TRP A 404 -1.29 28.79 -17.22
CA TRP A 404 -0.62 29.77 -18.08
C TRP A 404 -1.57 30.16 -19.23
N PRO A 405 -1.34 31.33 -19.88
CA PRO A 405 -2.30 31.85 -20.86
C PRO A 405 -2.65 30.85 -21.95
N ASP A 406 -1.63 30.17 -22.50
CA ASP A 406 -1.82 29.22 -23.59
C ASP A 406 -2.16 27.77 -23.15
N ALA A 407 -2.45 27.54 -21.87
CA ALA A 407 -2.73 26.18 -21.42
C ALA A 407 -3.96 25.63 -22.09
N GLU A 408 -4.04 24.32 -22.20
CA GLU A 408 -5.26 23.73 -22.68
C GLU A 408 -5.81 22.69 -21.68
N VAL A 409 -7.09 22.82 -21.33
CA VAL A 409 -7.78 21.85 -20.48
C VAL A 409 -8.86 21.24 -21.35
N ALA A 410 -8.79 19.96 -21.65
CA ALA A 410 -9.73 19.40 -22.65
C ALA A 410 -9.99 17.93 -22.37
N VAL A 411 -10.99 17.36 -23.06
CA VAL A 411 -11.19 15.91 -22.94
C VAL A 411 -10.05 15.12 -23.60
N MET A 412 -9.63 15.61 -24.76
CA MET A 412 -8.52 15.04 -25.57
C MET A 412 -8.04 16.14 -26.50
N GLY A 413 -6.98 15.90 -27.25
CA GLY A 413 -6.53 16.90 -28.23
C GLY A 413 -7.61 17.21 -29.25
N ALA A 414 -7.55 18.44 -29.81
CA ALA A 414 -8.51 18.90 -30.82
C ALA A 414 -8.64 17.94 -32.01
N LYS A 415 -7.48 17.54 -32.58
CA LYS A 415 -7.48 16.65 -33.75
C LYS A 415 -8.11 15.27 -33.45
N ALA A 416 -7.84 14.68 -32.27
CA ALA A 416 -8.51 13.43 -31.83
C ALA A 416 -10.01 13.60 -31.65
N ALA A 417 -10.39 14.69 -30.95
CA ALA A 417 -11.78 15.04 -30.70
C ALA A 417 -12.56 15.24 -32.00
N VAL A 418 -12.04 16.07 -32.93
CA VAL A 418 -12.70 16.23 -34.27
C VAL A 418 -12.96 14.87 -34.95
N GLY A 419 -12.01 13.93 -34.85
CA GLY A 419 -12.23 12.55 -35.29
C GLY A 419 -12.92 11.81 -34.16
N GLY A 451 -9.12 25.11 -23.92
CA GLY A 451 -9.18 26.58 -23.99
C GLY A 451 -9.31 27.07 -22.56
N VAL A 452 -8.39 27.92 -22.10
CA VAL A 452 -8.42 28.35 -20.68
C VAL A 452 -9.65 29.25 -20.33
N ASP A 453 -10.00 30.18 -21.22
CA ASP A 453 -11.22 31.01 -21.08
C ASP A 453 -12.42 30.14 -20.70
N SER A 454 -12.58 29.05 -21.44
CA SER A 454 -13.65 28.12 -21.18
C SER A 454 -13.56 27.39 -19.83
N ALA A 455 -12.32 27.10 -19.39
CA ALA A 455 -12.10 26.38 -18.15
C ALA A 455 -12.35 27.34 -16.97
N LEU A 456 -12.09 28.63 -17.17
CA LEU A 456 -12.44 29.66 -16.19
C LEU A 456 -13.94 29.78 -16.07
N ASP A 457 -14.61 29.82 -17.22
CA ASP A 457 -16.08 29.93 -17.31
C ASP A 457 -16.77 28.82 -16.55
N ILE A 458 -16.30 27.60 -16.82
CA ILE A 458 -16.83 26.36 -16.22
C ILE A 458 -16.53 26.33 -14.70
N GLY A 459 -15.40 26.90 -14.26
CA GLY A 459 -15.01 27.01 -12.83
C GLY A 459 -13.85 26.07 -12.43
N VAL A 460 -13.28 25.38 -13.41
CA VAL A 460 -12.30 24.34 -13.07
C VAL A 460 -10.88 24.91 -13.05
N VAL A 461 -10.68 26.08 -13.62
CA VAL A 461 -9.42 26.81 -13.44
C VAL A 461 -9.85 28.08 -12.69
N ASP A 462 -9.11 28.46 -11.67
CA ASP A 462 -9.47 29.66 -10.89
C ASP A 462 -8.83 30.88 -11.45
N GLU A 463 -7.57 30.78 -11.87
CA GLU A 463 -6.96 32.00 -12.36
C GLU A 463 -6.00 31.77 -13.51
N LYS A 464 -6.09 32.60 -14.53
CA LYS A 464 -5.14 32.58 -15.63
C LYS A 464 -4.02 33.52 -15.19
N ILE A 465 -2.76 33.06 -15.13
CA ILE A 465 -1.68 33.95 -14.66
C ILE A 465 -0.60 34.27 -15.70
N ASP A 466 0.03 35.42 -15.52
CA ASP A 466 1.26 35.78 -16.21
C ASP A 466 2.33 34.81 -15.68
N PRO A 467 2.96 34.04 -16.58
CA PRO A 467 3.95 33.04 -16.13
C PRO A 467 5.15 33.64 -15.40
N ALA A 468 5.48 34.90 -15.69
CA ALA A 468 6.46 35.68 -14.93
C ALA A 468 6.08 35.80 -13.45
N HIS A 469 4.82 35.55 -13.07
CA HIS A 469 4.47 35.57 -11.64
C HIS A 469 4.14 34.19 -11.06
N THR A 470 4.61 33.12 -11.73
CA THR A 470 4.26 31.75 -11.35
C THR A 470 4.57 31.50 -9.90
N ARG A 471 5.82 31.75 -9.52
CA ARG A 471 6.30 31.42 -8.19
C ARG A 471 5.52 32.17 -7.08
N SER A 472 5.39 33.50 -7.19
CA SER A 472 4.72 34.23 -6.10
C SER A 472 3.18 33.94 -6.07
N LYS A 473 2.56 33.70 -7.23
CA LYS A 473 1.10 33.36 -7.24
C LYS A 473 0.85 32.05 -6.58
N LEU A 474 1.72 31.08 -6.83
CA LEU A 474 1.57 29.76 -6.21
C LEU A 474 1.82 29.86 -4.71
N THR A 475 2.87 30.58 -4.33
CA THR A 475 3.17 30.81 -2.93
C THR A 475 2.00 31.47 -2.19
N GLU A 476 1.42 32.50 -2.77
CA GLU A 476 0.33 33.27 -2.12
C GLU A 476 -0.88 32.32 -1.91
N ALA A 477 -1.29 31.60 -2.95
CA ALA A 477 -2.40 30.67 -2.77
C ALA A 477 -2.13 29.59 -1.69
N LEU A 478 -0.91 29.07 -1.62
CA LEU A 478 -0.59 28.11 -0.56
C LEU A 478 -0.56 28.79 0.78
N ALA A 479 0.02 30.02 0.84
CA ALA A 479 0.18 30.68 2.15
C ALA A 479 -1.21 31.07 2.70
N GLN A 480 -2.17 31.30 1.80
CA GLN A 480 -3.52 31.72 2.21
C GLN A 480 -4.42 30.61 2.75
N ALA A 481 -4.07 29.34 2.50
CA ALA A 481 -4.90 28.18 2.91
C ALA A 481 -4.77 27.97 4.39
N PRO A 482 -5.90 27.80 5.08
CA PRO A 482 -5.82 27.65 6.55
C PRO A 482 -5.36 26.25 6.83
N ALA A 483 -4.41 26.09 7.75
CA ALA A 483 -3.69 24.83 7.88
C ALA A 483 -3.56 24.48 9.36
N PRO B 35 -34.57 -3.97 -21.04
CA PRO B 35 -33.57 -5.02 -21.01
C PRO B 35 -32.34 -4.52 -20.25
N ARG B 36 -31.86 -3.37 -20.66
CA ARG B 36 -30.86 -2.64 -19.93
C ARG B 36 -31.53 -1.51 -19.19
N ASP B 37 -32.83 -1.60 -19.02
CA ASP B 37 -33.58 -0.51 -18.45
C ASP B 37 -33.16 -0.26 -17.01
N PRO B 38 -32.76 0.95 -16.66
CA PRO B 38 -32.24 1.10 -15.30
C PRO B 38 -33.22 0.68 -14.22
N LEU B 39 -34.54 0.88 -14.46
CA LEU B 39 -35.53 0.51 -13.45
C LEU B 39 -35.67 -1.00 -13.29
N LEU B 40 -35.69 -1.73 -14.40
CA LEU B 40 -35.58 -3.21 -14.37
C LEU B 40 -34.37 -3.68 -13.56
N ARG B 41 -33.21 -3.13 -13.87
CA ARG B 41 -32.00 -3.58 -13.20
C ARG B 41 -32.03 -3.29 -11.68
N LEU B 42 -32.40 -2.05 -11.32
CA LEU B 42 -32.58 -1.68 -9.91
C LEU B 42 -33.62 -2.59 -9.21
N SER B 43 -34.71 -2.94 -9.91
CA SER B 43 -35.75 -3.78 -9.33
C SER B 43 -35.33 -5.20 -9.08
N ASN B 44 -34.49 -5.72 -10.01
CA ASN B 44 -33.87 -7.02 -9.82
C ASN B 44 -32.91 -6.99 -8.64
N PHE B 45 -32.25 -5.87 -8.40
CA PHE B 45 -31.26 -5.84 -7.32
C PHE B 45 -31.94 -5.78 -5.93
N PHE B 46 -32.85 -4.83 -5.81
CA PHE B 46 -33.58 -4.54 -4.56
C PHE B 46 -34.63 -5.56 -4.15
N ASP B 47 -34.90 -5.63 -2.85
CA ASP B 47 -36.00 -6.50 -2.36
C ASP B 47 -37.23 -6.12 -3.11
N ASP B 48 -38.06 -7.12 -3.40
CA ASP B 48 -39.19 -6.96 -4.34
C ASP B 48 -40.08 -5.71 -4.29
N GLY B 49 -40.57 -5.34 -3.13
CA GLY B 49 -41.54 -4.23 -3.14
C GLY B 49 -40.93 -2.87 -2.84
N SER B 50 -39.61 -2.78 -2.84
CA SER B 50 -38.91 -1.78 -2.04
C SER B 50 -38.34 -0.53 -2.72
N VAL B 51 -38.35 -0.48 -4.05
CA VAL B 51 -37.68 0.62 -4.78
C VAL B 51 -38.36 1.97 -4.55
N GLU B 52 -37.65 2.98 -4.06
CA GLU B 52 -38.17 4.37 -4.12
C GLU B 52 -37.15 5.17 -4.89
N LEU B 53 -37.60 5.80 -5.97
CA LEU B 53 -36.71 6.62 -6.77
C LEU B 53 -36.25 7.85 -5.99
N LEU B 54 -35.01 8.25 -6.20
CA LEU B 54 -34.43 9.41 -5.50
C LEU B 54 -34.63 10.67 -6.30
N HIS B 55 -35.09 10.55 -7.55
CA HIS B 55 -35.28 11.73 -8.44
C HIS B 55 -36.21 11.26 -9.55
N GLU B 56 -36.81 12.17 -10.31
CA GLU B 56 -37.58 11.85 -11.53
C GLU B 56 -36.74 11.18 -12.62
N ARG B 57 -37.31 10.18 -13.28
CA ARG B 57 -36.63 9.54 -14.41
C ARG B 57 -36.36 10.59 -15.52
N ASP B 58 -35.22 10.50 -16.19
CA ASP B 58 -34.90 11.44 -17.23
C ASP B 58 -33.96 10.67 -18.16
N ARG B 59 -33.38 11.32 -19.14
CA ARG B 59 -32.46 10.66 -20.09
C ARG B 59 -31.00 11.02 -19.75
N SER B 60 -30.76 11.30 -18.46
CA SER B 60 -29.40 11.68 -17.96
C SER B 60 -28.39 10.54 -18.05
N GLY B 61 -28.89 9.33 -18.24
CA GLY B 61 -28.03 8.13 -18.21
C GLY B 61 -27.72 7.53 -16.85
N VAL B 62 -28.32 8.05 -15.77
CA VAL B 62 -28.42 7.32 -14.47
C VAL B 62 -29.78 7.45 -13.74
N LEU B 63 -30.13 6.37 -13.06
CA LEU B 63 -31.28 6.34 -12.20
C LEU B 63 -30.81 5.85 -10.86
N ALA B 64 -31.14 6.61 -9.81
CA ALA B 64 -30.80 6.27 -8.44
C ALA B 64 -32.09 6.02 -7.63
N ALA B 65 -32.04 5.06 -6.70
CA ALA B 65 -33.20 4.71 -5.86
C ALA B 65 -32.72 4.29 -4.46
N ALA B 66 -33.57 4.45 -3.45
CA ALA B 66 -33.42 3.76 -2.21
C ALA B 66 -34.20 2.45 -2.28
N GLY B 67 -33.77 1.44 -1.51
CA GLY B 67 -34.57 0.23 -1.42
C GLY B 67 -34.12 -0.54 -0.21
N THR B 68 -34.47 -1.83 -0.13
CA THR B 68 -33.88 -2.63 0.93
C THR B 68 -33.24 -3.84 0.31
N VAL B 69 -32.18 -4.34 0.96
CA VAL B 69 -31.53 -5.58 0.56
C VAL B 69 -31.63 -6.53 1.74
N ASN B 70 -32.54 -7.48 1.62
CA ASN B 70 -32.83 -8.37 2.72
C ASN B 70 -33.11 -7.57 4.01
N GLY B 71 -33.76 -6.43 3.90
CA GLY B 71 -34.21 -5.67 5.10
C GLY B 71 -33.37 -4.43 5.38
N VAL B 72 -32.18 -4.35 4.80
CA VAL B 72 -31.22 -3.25 5.05
C VAL B 72 -31.49 -2.09 4.07
N ARG B 73 -31.71 -0.87 4.58
CA ARG B 73 -31.90 0.29 3.68
C ARG B 73 -30.60 0.43 2.95
N THR B 74 -30.66 0.43 1.62
CA THR B 74 -29.51 0.48 0.72
C THR B 74 -29.85 1.55 -0.34
N ILE B 75 -28.85 2.34 -0.72
CA ILE B 75 -28.91 3.23 -1.85
C ILE B 75 -28.30 2.51 -3.06
N ALA B 76 -28.88 2.71 -4.25
CA ALA B 76 -28.26 2.19 -5.44
C ALA B 76 -28.48 3.10 -6.59
N PHE B 77 -27.59 2.99 -7.57
CA PHE B 77 -27.75 3.75 -8.81
C PHE B 77 -27.36 2.82 -9.96
N CYS B 78 -27.97 3.06 -11.11
CA CYS B 78 -27.72 2.25 -12.29
C CYS B 78 -27.42 3.23 -13.39
N THR B 79 -26.32 3.03 -14.10
CA THR B 79 -26.16 3.79 -15.35
C THR B 79 -27.13 3.19 -16.39
N ASP B 80 -27.51 3.99 -17.37
CA ASP B 80 -28.59 3.62 -18.29
C ASP B 80 -27.96 3.18 -19.60
N GLY B 81 -27.79 1.86 -19.76
CA GLY B 81 -27.36 1.26 -21.01
C GLY B 81 -28.20 1.61 -22.24
N THR B 82 -29.37 2.23 -22.04
CA THR B 82 -30.28 2.53 -23.18
C THR B 82 -30.06 3.93 -23.77
N VAL B 83 -29.28 4.75 -23.10
CA VAL B 83 -29.04 6.11 -23.57
C VAL B 83 -27.53 6.29 -23.78
N MET B 84 -27.14 6.42 -25.06
CA MET B 84 -25.73 6.63 -25.49
C MET B 84 -24.74 5.57 -24.93
N GLY B 85 -25.21 4.33 -24.83
CA GLY B 85 -24.41 3.23 -24.27
C GLY B 85 -24.09 3.41 -22.79
N GLY B 86 -24.91 4.19 -22.09
CA GLY B 86 -24.66 4.50 -20.70
C GLY B 86 -23.63 5.61 -20.48
N ALA B 87 -23.26 6.36 -21.52
CA ALA B 87 -22.21 7.41 -21.39
C ALA B 87 -22.53 8.48 -20.30
N MET B 88 -21.52 8.86 -19.53
CA MET B 88 -21.72 9.60 -18.28
C MET B 88 -21.64 11.09 -18.56
N GLY B 89 -22.66 11.84 -18.16
CA GLY B 89 -22.59 13.27 -18.36
C GLY B 89 -22.92 14.02 -17.10
N VAL B 90 -23.08 15.34 -17.21
CA VAL B 90 -23.16 16.18 -16.01
C VAL B 90 -24.36 15.82 -15.16
N GLU B 91 -25.56 15.73 -15.72
CA GLU B 91 -26.78 15.49 -14.90
C GLU B 91 -26.74 14.10 -14.30
N GLY B 92 -26.35 13.10 -15.11
CA GLY B 92 -26.19 11.71 -14.58
C GLY B 92 -25.23 11.60 -13.39
N CYS B 93 -24.01 12.13 -13.54
CA CYS B 93 -23.06 12.19 -12.42
C CYS B 93 -23.64 12.90 -11.20
N THR B 94 -24.37 13.96 -11.42
CA THR B 94 -25.03 14.67 -10.31
C THR B 94 -25.98 13.76 -9.51
N HIS B 95 -26.80 12.97 -10.18
CA HIS B 95 -27.62 11.99 -9.47
C HIS B 95 -26.78 10.98 -8.68
N ILE B 96 -25.66 10.54 -9.24
CA ILE B 96 -24.76 9.67 -8.48
C ILE B 96 -24.23 10.39 -7.24
N VAL B 97 -23.69 11.60 -7.42
CA VAL B 97 -23.19 12.35 -6.26
C VAL B 97 -24.32 12.54 -5.23
N ASN B 98 -25.54 12.86 -5.70
CA ASN B 98 -26.70 12.99 -4.79
C ASN B 98 -26.99 11.67 -4.07
N ALA B 99 -26.98 10.55 -4.80
CA ALA B 99 -27.13 9.27 -4.16
C ALA B 99 -26.08 9.08 -3.06
N TYR B 100 -24.82 9.44 -3.34
CA TYR B 100 -23.79 9.28 -2.31
C TYR B 100 -24.02 10.13 -1.10
N ASP B 101 -24.41 11.41 -1.29
CA ASP B 101 -24.77 12.28 -0.15
C ASP B 101 -25.84 11.65 0.71
N THR B 102 -26.86 11.06 0.08
CA THR B 102 -27.94 10.41 0.86
C THR B 102 -27.43 9.21 1.62
N ALA B 103 -26.65 8.33 0.98
CA ALA B 103 -26.14 7.12 1.62
C ALA B 103 -25.25 7.51 2.77
N ILE B 104 -24.41 8.51 2.56
CA ILE B 104 -23.48 8.94 3.61
C ILE B 104 -24.27 9.49 4.81
N GLU B 105 -25.29 10.28 4.52
CA GLU B 105 -26.07 10.93 5.58
C GLU B 105 -26.79 9.88 6.43
N ASP B 106 -27.35 8.86 5.79
CA ASP B 106 -28.09 7.85 6.54
C ASP B 106 -27.21 6.66 6.91
N GLN B 107 -25.90 6.75 6.69
CA GLN B 107 -24.98 5.55 6.78
C GLN B 107 -25.56 4.27 6.21
N SER B 108 -25.98 4.32 4.97
CA SER B 108 -26.45 3.15 4.24
C SER B 108 -25.38 2.64 3.27
N PRO B 109 -25.29 1.32 3.03
CA PRO B 109 -24.40 0.88 1.95
C PRO B 109 -24.87 1.42 0.61
N ILE B 110 -23.97 1.51 -0.36
CA ILE B 110 -24.37 2.12 -1.63
C ILE B 110 -23.83 1.24 -2.72
N VAL B 111 -24.68 0.91 -3.69
CA VAL B 111 -24.36 -0.08 -4.72
C VAL B 111 -24.49 0.59 -6.08
N GLY B 112 -23.41 0.56 -6.88
CA GLY B 112 -23.43 1.08 -8.27
C GLY B 112 -23.66 -0.08 -9.24
N ILE B 113 -24.54 0.13 -10.23
CA ILE B 113 -24.74 -0.86 -11.31
C ILE B 113 -24.27 -0.21 -12.58
N TRP B 114 -23.22 -0.77 -13.17
CA TRP B 114 -22.55 -0.16 -14.32
C TRP B 114 -23.01 -0.70 -15.67
N HIS B 115 -22.57 -0.01 -16.73
CA HIS B 115 -22.91 -0.32 -18.11
C HIS B 115 -22.74 0.96 -18.91
N SER B 116 -21.48 1.36 -19.10
CA SER B 116 -21.19 2.66 -19.64
C SER B 116 -19.88 2.67 -20.39
N GLY B 117 -19.86 3.34 -21.52
CA GLY B 117 -18.75 3.29 -22.43
C GLY B 117 -17.75 4.40 -22.30
N GLY B 118 -18.09 5.40 -21.53
CA GLY B 118 -17.13 6.46 -21.18
C GLY B 118 -17.89 7.72 -20.82
N ALA B 119 -17.22 8.88 -20.85
CA ALA B 119 -17.90 10.19 -20.64
C ALA B 119 -18.61 10.75 -21.90
N ARG B 120 -19.66 11.55 -21.72
CA ARG B 120 -20.32 12.14 -22.87
C ARG B 120 -19.37 13.18 -23.50
N LEU B 121 -18.67 12.83 -24.58
CA LEU B 121 -17.64 13.71 -25.16
C LEU B 121 -18.21 15.10 -25.53
N ALA B 122 -19.45 15.16 -26.03
CA ALA B 122 -20.02 16.46 -26.48
C ALA B 122 -20.16 17.45 -25.32
N GLU B 123 -20.27 16.95 -24.11
CA GLU B 123 -20.31 17.82 -22.94
C GLU B 123 -18.91 18.35 -22.51
N GLY B 124 -17.83 17.94 -23.17
CA GLY B 124 -16.48 18.48 -22.88
C GLY B 124 -15.99 18.41 -21.41
N VAL B 125 -15.25 19.42 -20.99
CA VAL B 125 -14.64 19.46 -19.62
C VAL B 125 -15.71 19.47 -18.52
N ARG B 126 -16.89 20.07 -18.75
CA ARG B 126 -17.96 19.94 -17.73
C ARG B 126 -18.20 18.47 -17.33
N ALA B 127 -18.23 17.58 -18.32
CA ALA B 127 -18.39 16.14 -18.04
C ALA B 127 -17.23 15.55 -17.23
N LEU B 128 -15.99 15.94 -17.55
CA LEU B 128 -14.81 15.48 -16.80
C LEU B 128 -14.92 15.88 -15.38
N HIS B 129 -15.24 17.15 -15.15
CA HIS B 129 -15.42 17.65 -13.80
C HIS B 129 -16.48 16.85 -13.02
N ALA B 130 -17.63 16.62 -13.67
CA ALA B 130 -18.77 15.90 -13.05
C ALA B 130 -18.37 14.45 -12.70
N VAL B 131 -17.57 13.84 -13.56
CA VAL B 131 -17.06 12.49 -13.26
C VAL B 131 -16.09 12.53 -12.07
N GLY B 132 -15.21 13.54 -12.04
CA GLY B 132 -14.28 13.76 -10.91
C GLY B 132 -15.10 13.92 -9.63
N GLN B 133 -16.25 14.55 -9.72
CA GLN B 133 -17.15 14.65 -8.55
C GLN B 133 -17.75 13.36 -8.06
N VAL B 134 -18.02 12.40 -8.96
CA VAL B 134 -18.41 11.05 -8.53
C VAL B 134 -17.24 10.44 -7.76
N PHE B 135 -16.04 10.53 -8.31
CA PHE B 135 -14.86 9.96 -7.59
C PHE B 135 -14.74 10.58 -6.22
N GLU B 136 -14.88 11.91 -6.14
CA GLU B 136 -14.68 12.57 -4.84
C GLU B 136 -15.72 12.05 -3.83
N ALA B 137 -16.93 11.75 -4.31
CA ALA B 137 -17.98 11.21 -3.39
C ALA B 137 -17.60 9.83 -2.90
N MET B 138 -17.10 9.00 -3.82
CA MET B 138 -16.64 7.66 -3.44
C MET B 138 -15.51 7.75 -2.44
N ILE B 139 -14.68 8.80 -2.57
CA ILE B 139 -13.56 8.95 -1.69
C ILE B 139 -14.06 9.43 -0.31
N ARG B 140 -15.05 10.31 -0.29
CA ARG B 140 -15.66 10.71 0.97
C ARG B 140 -16.31 9.52 1.64
N ALA B 141 -16.93 8.63 0.86
CA ALA B 141 -17.59 7.44 1.44
C ALA B 141 -16.59 6.37 1.95
N SER B 142 -15.37 6.43 1.44
CA SER B 142 -14.40 5.33 1.61
C SER B 142 -14.18 4.96 3.08
N GLY B 143 -14.42 3.69 3.42
CA GLY B 143 -14.20 3.22 4.78
C GLY B 143 -15.33 3.59 5.71
N TYR B 144 -16.28 4.40 5.22
CA TYR B 144 -17.38 4.93 6.08
C TYR B 144 -18.66 4.13 5.87
N ILE B 145 -19.07 3.99 4.61
CA ILE B 145 -20.20 3.13 4.24
C ILE B 145 -19.70 2.11 3.20
N PRO B 146 -20.24 0.88 3.25
CA PRO B 146 -19.85 -0.09 2.24
C PRO B 146 -20.21 0.38 0.81
N GLN B 147 -19.30 0.18 -0.15
CA GLN B 147 -19.59 0.57 -1.53
C GLN B 147 -19.35 -0.66 -2.37
N ILE B 148 -20.39 -1.11 -3.06
CA ILE B 148 -20.28 -2.32 -3.85
C ILE B 148 -20.60 -1.98 -5.29
N SER B 149 -19.79 -2.46 -6.21
CA SER B 149 -20.08 -2.17 -7.64
C SER B 149 -20.49 -3.48 -8.28
N VAL B 150 -21.54 -3.46 -9.08
CA VAL B 150 -21.91 -4.62 -9.85
C VAL B 150 -21.82 -4.18 -11.30
N VAL B 151 -20.87 -4.75 -12.05
CA VAL B 151 -20.58 -4.29 -13.43
C VAL B 151 -21.27 -5.26 -14.39
N VAL B 152 -22.27 -4.77 -15.11
CA VAL B 152 -23.10 -5.67 -15.90
C VAL B 152 -22.97 -5.54 -17.42
N GLY B 153 -22.19 -4.57 -17.89
CA GLY B 153 -22.04 -4.31 -19.34
C GLY B 153 -20.62 -3.83 -19.57
N PHE B 154 -20.28 -3.50 -20.81
CA PHE B 154 -19.00 -2.91 -21.14
C PHE B 154 -18.85 -1.72 -20.20
N ALA B 155 -17.67 -1.59 -19.57
CA ALA B 155 -17.44 -0.52 -18.61
C ALA B 155 -16.06 0.13 -18.79
N ALA B 156 -16.05 1.39 -19.18
CA ALA B 156 -14.80 2.12 -19.51
C ALA B 156 -14.73 3.53 -18.94
N GLY B 157 -13.53 4.07 -18.85
CA GLY B 157 -13.36 5.42 -18.29
C GLY B 157 -13.79 5.51 -16.83
N GLY B 158 -14.68 6.48 -16.59
CA GLY B 158 -15.25 6.70 -15.26
C GLY B 158 -15.87 5.43 -14.76
N ALA B 159 -16.35 4.60 -15.69
CA ALA B 159 -16.99 3.34 -15.27
C ALA B 159 -15.96 2.24 -15.00
N ALA B 160 -14.68 2.56 -15.15
CA ALA B 160 -13.62 1.61 -14.75
C ALA B 160 -13.02 2.16 -13.46
N TYR B 161 -12.64 3.43 -13.45
CA TYR B 161 -12.09 4.02 -12.20
C TYR B 161 -13.07 4.11 -11.04
N GLY B 162 -14.36 4.34 -11.35
CA GLY B 162 -15.38 4.46 -10.31
C GLY B 162 -15.46 3.16 -9.53
N PRO B 163 -15.76 2.04 -10.23
CA PRO B 163 -15.72 0.79 -9.47
C PRO B 163 -14.38 0.55 -8.77
N ALA B 164 -13.26 0.95 -9.38
CA ALA B 164 -11.97 0.74 -8.68
C ALA B 164 -11.83 1.53 -7.39
N LEU B 165 -12.62 2.57 -7.18
CA LEU B 165 -12.62 3.33 -5.87
C LEU B 165 -13.52 2.68 -4.79
N THR B 166 -14.36 1.74 -5.22
CA THR B 166 -15.27 1.06 -4.31
C THR B 166 -14.53 0.03 -3.46
N ASP B 167 -15.28 -0.74 -2.68
CA ASP B 167 -14.70 -1.76 -1.82
C ASP B 167 -14.70 -3.12 -2.51
N VAL B 168 -15.83 -3.46 -3.13
CA VAL B 168 -15.96 -4.74 -3.82
C VAL B 168 -16.52 -4.54 -5.23
N VAL B 169 -15.97 -5.27 -6.19
CA VAL B 169 -16.41 -5.17 -7.59
C VAL B 169 -16.91 -6.55 -7.99
N VAL B 170 -18.16 -6.64 -8.43
CA VAL B 170 -18.74 -7.88 -8.95
C VAL B 170 -18.86 -7.69 -10.45
N MET B 171 -18.33 -8.62 -11.25
CA MET B 171 -18.43 -8.47 -12.71
C MET B 171 -19.24 -9.59 -13.32
N ALA B 172 -20.14 -9.25 -14.22
CA ALA B 172 -20.94 -10.21 -14.94
C ALA B 172 -20.29 -10.51 -16.25
N PRO B 173 -20.53 -11.79 -16.74
CA PRO B 173 -19.83 -12.08 -17.99
C PRO B 173 -19.93 -11.04 -19.09
N GLU B 174 -21.04 -10.36 -19.22
CA GLU B 174 -21.21 -9.40 -20.31
C GLU B 174 -20.31 -8.18 -20.24
N SER B 175 -19.28 -8.22 -19.41
CA SER B 175 -18.38 -7.10 -19.27
C SER B 175 -16.92 -7.53 -19.19
N SER B 208 -6.97 -9.39 -11.06
CA SER B 208 -6.15 -8.52 -11.89
C SER B 208 -5.28 -7.45 -11.13
N GLY B 209 -5.52 -7.20 -9.82
CA GLY B 209 -6.73 -7.68 -9.03
C GLY B 209 -7.93 -6.72 -8.89
N VAL B 210 -8.32 -6.09 -9.98
CA VAL B 210 -9.35 -5.02 -9.92
C VAL B 210 -10.74 -5.59 -9.63
N CYS B 211 -11.03 -6.73 -10.27
CA CYS B 211 -12.31 -7.35 -10.11
C CYS B 211 -12.32 -8.47 -9.00
N HIS B 212 -13.20 -8.37 -8.00
CA HIS B 212 -13.12 -9.30 -6.86
C HIS B 212 -13.86 -10.56 -7.12
N ILE B 213 -15.01 -10.44 -7.77
CA ILE B 213 -15.95 -11.56 -7.89
C ILE B 213 -16.42 -11.63 -9.33
N VAL B 214 -16.34 -12.80 -9.96
CA VAL B 214 -16.91 -12.98 -11.28
C VAL B 214 -18.19 -13.73 -11.03
N ALA B 215 -19.29 -13.18 -11.51
CA ALA B 215 -20.61 -13.80 -11.43
C ALA B 215 -20.83 -14.64 -12.68
N ASP B 216 -21.76 -15.59 -12.58
CA ASP B 216 -22.13 -16.51 -13.68
C ASP B 216 -22.93 -15.86 -14.79
N ASP B 217 -23.74 -14.87 -14.44
CA ASP B 217 -24.59 -14.13 -15.38
C ASP B 217 -25.09 -12.88 -14.67
N GLU B 218 -25.89 -12.07 -15.36
CA GLU B 218 -26.29 -10.81 -14.75
C GLU B 218 -27.13 -11.02 -13.48
N LEU B 219 -28.06 -11.96 -13.51
CA LEU B 219 -28.89 -12.21 -12.36
C LEU B 219 -28.02 -12.66 -11.15
N ASP B 220 -27.09 -13.60 -11.39
CA ASP B 220 -26.18 -14.08 -10.34
C ASP B 220 -25.28 -12.96 -9.77
N ALA B 221 -24.95 -11.95 -10.59
CA ALA B 221 -24.19 -10.79 -10.07
C ALA B 221 -25.01 -9.99 -9.03
N TYR B 222 -26.33 -9.87 -9.25
CA TYR B 222 -27.18 -9.14 -8.30
C TYR B 222 -27.23 -9.93 -7.02
N ASP B 223 -27.39 -11.23 -7.17
CA ASP B 223 -27.30 -12.16 -6.07
C ASP B 223 -26.06 -12.01 -5.19
N ARG B 224 -24.89 -12.02 -5.83
CA ARG B 224 -23.66 -11.89 -5.09
C ARG B 224 -23.56 -10.48 -4.55
N GLY B 225 -23.98 -9.49 -5.31
CA GLY B 225 -24.03 -8.11 -4.80
C GLY B 225 -24.92 -7.97 -3.55
N ARG B 226 -26.09 -8.61 -3.59
CA ARG B 226 -27.01 -8.59 -2.47
C ARG B 226 -26.38 -9.23 -1.23
N ARG B 227 -25.70 -10.35 -1.45
CA ARG B 227 -25.07 -11.08 -0.38
C ARG B 227 -23.95 -10.29 0.27
N LEU B 228 -23.24 -9.55 -0.52
CA LEU B 228 -22.20 -8.68 -0.05
C LEU B 228 -22.76 -7.61 0.86
N VAL B 229 -23.87 -7.00 0.49
CA VAL B 229 -24.51 -6.00 1.41
C VAL B 229 -24.76 -6.63 2.78
N GLY B 230 -25.34 -7.84 2.77
CA GLY B 230 -25.63 -8.61 4.01
C GLY B 230 -24.32 -8.87 4.79
N LEU B 231 -23.23 -9.16 4.08
CA LEU B 231 -21.97 -9.49 4.80
C LEU B 231 -21.39 -8.26 5.52
N PHE B 232 -21.51 -7.10 4.89
CA PHE B 232 -21.03 -5.84 5.48
C PHE B 232 -22.01 -5.22 6.48
N CYS B 233 -23.31 -5.44 6.29
CA CYS B 233 -24.30 -4.65 7.01
C CYS B 233 -25.07 -5.49 8.00
N GLN B 234 -25.02 -6.80 7.79
CA GLN B 234 -25.66 -7.75 8.70
C GLN B 234 -24.61 -8.66 9.31
N GLN B 235 -23.56 -8.06 9.86
CA GLN B 235 -22.44 -8.80 10.43
C GLN B 235 -22.87 -10.02 11.23
N GLY B 236 -23.88 -9.85 12.09
CA GLY B 236 -24.32 -10.93 12.96
C GLY B 236 -23.51 -10.97 14.25
N HIS B 237 -23.53 -12.10 14.93
CA HIS B 237 -22.96 -12.23 16.27
C HIS B 237 -22.32 -13.61 16.37
N PHE B 238 -21.21 -13.73 17.07
CA PHE B 238 -20.60 -15.02 17.30
C PHE B 238 -21.46 -15.83 18.20
N ASP B 239 -21.54 -17.14 17.90
CA ASP B 239 -22.43 -18.05 18.61
C ASP B 239 -21.61 -19.33 18.91
N ARG B 240 -21.23 -19.46 20.19
CA ARG B 240 -20.46 -20.59 20.72
C ARG B 240 -21.18 -21.91 20.28
N SER B 241 -22.49 -22.00 20.45
CA SER B 241 -23.22 -23.23 20.09
C SER B 241 -23.05 -23.67 18.59
N LYS B 242 -23.28 -22.73 17.66
CA LYS B 242 -23.17 -22.98 16.22
C LYS B 242 -21.74 -23.28 15.83
N ALA B 243 -20.77 -22.57 16.43
CA ALA B 243 -19.36 -22.90 16.14
C ALA B 243 -19.07 -24.41 16.43
N GLU B 244 -19.37 -24.84 17.67
CA GLU B 244 -19.11 -26.18 18.11
C GLU B 244 -19.83 -27.24 17.32
N ALA B 245 -21.13 -27.00 17.04
CA ALA B 245 -21.89 -28.02 16.26
C ALA B 245 -21.32 -28.18 14.85
N GLY B 246 -20.62 -27.16 14.34
CA GLY B 246 -19.99 -27.26 13.03
C GLY B 246 -18.54 -27.77 13.06
N ASP B 247 -17.98 -28.08 14.23
CA ASP B 247 -16.57 -28.60 14.35
C ASP B 247 -16.41 -29.96 13.63
N THR B 248 -15.24 -30.16 13.02
CA THR B 248 -14.87 -31.39 12.37
C THR B 248 -13.37 -31.50 12.43
N ASP B 249 -12.84 -32.69 12.19
CA ASP B 249 -11.39 -32.84 12.11
C ASP B 249 -10.88 -32.26 10.81
N ILE B 250 -10.51 -30.99 10.84
CA ILE B 250 -10.08 -30.32 9.65
C ILE B 250 -8.72 -30.84 9.24
N HIS B 251 -7.99 -31.39 10.19
CA HIS B 251 -6.66 -31.88 9.90
C HIS B 251 -6.67 -32.98 8.90
N ALA B 252 -7.75 -33.74 8.84
CA ALA B 252 -7.82 -34.85 7.87
C ALA B 252 -7.79 -34.35 6.43
N LEU B 253 -7.89 -33.03 6.23
CA LEU B 253 -7.90 -32.42 4.89
C LEU B 253 -6.51 -32.18 4.31
N LEU B 254 -5.49 -32.23 5.16
CA LEU B 254 -4.11 -32.10 4.72
C LEU B 254 -3.70 -33.40 3.99
N PRO B 255 -2.73 -33.32 3.06
CA PRO B 255 -2.24 -34.59 2.49
C PRO B 255 -1.39 -35.37 3.51
N GLU B 256 -1.15 -36.67 3.23
CA GLU B 256 -0.43 -37.56 4.16
C GLU B 256 1.02 -37.09 4.40
N SER B 257 1.70 -36.70 3.34
CA SER B 257 3.07 -36.16 3.46
C SER B 257 3.09 -34.63 3.68
N SER B 258 3.98 -34.16 4.54
CA SER B 258 4.19 -32.72 4.77
C SER B 258 4.83 -32.06 3.56
N ARG B 259 5.24 -32.90 2.62
CA ARG B 259 5.95 -32.41 1.45
C ARG B 259 4.97 -32.09 0.31
N ARG B 260 3.78 -32.69 0.31
CA ARG B 260 2.84 -32.47 -0.81
C ARG B 260 2.10 -31.11 -0.71
N ALA B 261 2.02 -30.39 -1.84
CA ALA B 261 1.13 -29.24 -2.03
C ALA B 261 -0.32 -29.70 -2.02
N TYR B 262 -1.25 -28.78 -1.76
CA TYR B 262 -2.68 -29.05 -1.64
C TYR B 262 -3.37 -27.69 -1.74
N ASP B 263 -4.62 -27.69 -2.24
CA ASP B 263 -5.50 -26.55 -2.25
C ASP B 263 -6.03 -26.26 -0.80
N VAL B 264 -5.81 -25.06 -0.30
CA VAL B 264 -6.18 -24.69 1.09
C VAL B 264 -7.69 -24.44 1.17
N ARG B 265 -8.36 -24.29 0.02
CA ARG B 265 -9.78 -23.84 0.00
C ARG B 265 -10.72 -24.79 0.79
N PRO B 266 -10.54 -26.12 0.69
CA PRO B 266 -11.38 -26.97 1.56
C PRO B 266 -11.19 -26.79 3.06
N ILE B 267 -9.99 -26.38 3.49
CA ILE B 267 -9.78 -26.08 4.88
C ILE B 267 -10.55 -24.80 5.27
N VAL B 268 -10.47 -23.81 4.41
CA VAL B 268 -11.25 -22.58 4.60
C VAL B 268 -12.75 -22.92 4.74
N THR B 269 -13.29 -23.65 3.79
CA THR B 269 -14.72 -23.86 3.80
C THR B 269 -15.13 -24.82 4.92
N ALA B 270 -14.17 -25.60 5.44
CA ALA B 270 -14.45 -26.44 6.63
C ALA B 270 -14.46 -25.67 7.95
N ILE B 271 -13.75 -24.54 8.01
CA ILE B 271 -13.78 -23.68 9.20
C ILE B 271 -15.11 -22.89 9.18
N LEU B 272 -15.45 -22.37 8.01
CA LEU B 272 -16.61 -21.49 7.87
C LEU B 272 -17.92 -22.31 7.86
N ASP B 273 -19.05 -21.66 8.14
CA ASP B 273 -20.35 -22.36 8.26
C ASP B 273 -20.64 -23.11 6.99
N ALA B 274 -21.08 -24.35 7.17
CA ALA B 274 -21.46 -25.27 6.10
C ALA B 274 -22.51 -24.77 5.15
N ASP B 275 -23.52 -24.07 5.68
CA ASP B 275 -24.62 -23.61 4.82
C ASP B 275 -24.40 -22.26 4.15
N THR B 276 -23.18 -21.70 4.23
CA THR B 276 -22.92 -20.35 3.72
C THR B 276 -21.86 -20.27 2.61
N PRO B 277 -22.09 -19.47 1.55
CA PRO B 277 -21.05 -19.41 0.54
C PRO B 277 -19.78 -18.76 1.07
N PHE B 278 -18.63 -19.20 0.57
CA PHE B 278 -17.41 -18.42 0.87
C PHE B 278 -17.21 -17.52 -0.35
N ASP B 279 -17.26 -16.20 -0.14
CA ASP B 279 -17.13 -15.28 -1.24
C ASP B 279 -15.69 -14.91 -1.40
N GLU B 280 -14.97 -15.79 -2.09
CA GLU B 280 -13.54 -15.55 -2.32
C GLU B 280 -13.36 -14.31 -3.18
N PHE B 281 -12.35 -13.47 -2.89
CA PHE B 281 -12.04 -12.31 -3.72
C PHE B 281 -10.82 -12.64 -4.59
N GLN B 282 -10.86 -12.16 -5.84
CA GLN B 282 -9.69 -12.17 -6.74
C GLN B 282 -9.04 -13.54 -6.83
N ALA B 283 -9.85 -14.58 -6.98
CA ALA B 283 -9.35 -15.94 -6.93
C ALA B 283 -8.27 -16.14 -7.96
N ASN B 284 -8.36 -15.56 -9.16
CA ASN B 284 -7.29 -15.80 -10.13
C ASN B 284 -6.10 -14.85 -10.10
N TRP B 285 -6.12 -13.86 -9.22
CA TRP B 285 -4.99 -12.95 -9.05
C TRP B 285 -4.23 -13.36 -7.82
N ALA B 286 -2.92 -13.49 -7.92
CA ALA B 286 -2.07 -13.84 -6.74
C ALA B 286 -2.59 -15.16 -6.11
N PRO B 287 -2.52 -16.24 -6.90
CA PRO B 287 -3.18 -17.46 -6.42
C PRO B 287 -2.49 -18.15 -5.24
N SER B 288 -1.30 -17.71 -4.82
CA SER B 288 -0.67 -18.33 -3.62
C SER B 288 -1.34 -17.80 -2.34
N MET B 289 -2.29 -16.85 -2.47
CA MET B 289 -3.00 -16.32 -1.33
C MET B 289 -4.49 -16.41 -1.60
N VAL B 290 -5.26 -16.94 -0.66
CA VAL B 290 -6.72 -17.00 -0.82
C VAL B 290 -7.28 -15.99 0.15
N VAL B 291 -8.12 -15.05 -0.31
CA VAL B 291 -8.79 -14.17 0.65
C VAL B 291 -10.29 -14.14 0.33
N GLY B 292 -11.15 -13.86 1.32
CA GLY B 292 -12.54 -13.62 1.00
C GLY B 292 -13.37 -13.55 2.28
N LEU B 293 -14.66 -13.38 2.10
CA LEU B 293 -15.55 -13.22 3.24
C LEU B 293 -16.48 -14.41 3.36
N GLY B 294 -16.86 -14.71 4.58
CA GLY B 294 -17.84 -15.77 4.83
C GLY B 294 -18.37 -15.55 6.22
N ARG B 295 -18.95 -16.61 6.77
CA ARG B 295 -19.58 -16.54 8.08
C ARG B 295 -19.06 -17.63 8.94
N LEU B 296 -18.78 -17.26 10.20
CA LEU B 296 -18.25 -18.18 11.19
C LEU B 296 -19.20 -18.10 12.40
N SER B 297 -19.93 -19.19 12.62
CA SER B 297 -21.07 -19.28 13.57
C SER B 297 -22.04 -18.09 13.38
N GLY B 298 -22.21 -17.68 12.13
CA GLY B 298 -23.24 -16.68 11.71
C GLY B 298 -22.65 -15.29 11.51
N ARG B 299 -21.40 -15.12 11.93
CA ARG B 299 -20.75 -13.79 12.03
C ARG B 299 -19.83 -13.55 10.82
N THR B 300 -19.97 -12.44 10.07
CA THR B 300 -19.08 -12.15 8.98
C THR B 300 -17.63 -12.11 9.45
N VAL B 301 -16.76 -12.86 8.75
CA VAL B 301 -15.33 -12.81 9.02
C VAL B 301 -14.64 -12.79 7.67
N GLY B 302 -13.43 -12.24 7.66
CA GLY B 302 -12.57 -12.29 6.48
C GLY B 302 -11.55 -13.42 6.75
N VAL B 303 -11.22 -14.19 5.70
CA VAL B 303 -10.25 -15.24 5.80
C VAL B 303 -9.06 -14.88 4.89
N LEU B 304 -7.86 -15.08 5.40
CA LEU B 304 -6.67 -14.98 4.53
C LEU B 304 -5.95 -16.32 4.74
N ALA B 305 -5.58 -17.03 3.65
CA ALA B 305 -4.92 -18.34 3.84
C ALA B 305 -3.93 -18.50 2.74
N ASN B 306 -2.69 -18.80 3.11
CA ASN B 306 -1.76 -19.19 2.02
C ASN B 306 -2.29 -20.43 1.36
N ASN B 307 -2.09 -20.53 0.04
CA ASN B 307 -2.49 -21.70 -0.72
C ASN B 307 -1.30 -22.45 -1.29
N PRO B 308 -0.87 -23.55 -0.64
CA PRO B 308 0.35 -24.28 -1.05
C PRO B 308 0.34 -24.85 -2.45
N LEU B 309 -0.83 -24.89 -3.08
CA LEU B 309 -0.98 -25.42 -4.41
C LEU B 309 -0.31 -24.52 -5.41
N ARG B 310 -0.22 -23.24 -5.13
CA ARG B 310 0.34 -22.31 -6.07
C ARG B 310 1.60 -21.69 -5.47
N LEU B 311 2.67 -21.72 -6.27
CA LEU B 311 3.96 -21.14 -5.83
C LEU B 311 4.42 -21.66 -4.47
N GLY B 312 4.10 -22.90 -4.12
CA GLY B 312 4.49 -23.52 -2.86
C GLY B 312 3.83 -22.80 -1.70
N GLY B 313 2.86 -21.92 -1.96
CA GLY B 313 2.24 -21.28 -0.82
C GLY B 313 3.03 -20.06 -0.41
N CYS B 314 4.12 -19.76 -1.13
CA CYS B 314 4.97 -18.63 -0.78
C CYS B 314 4.24 -17.33 -0.92
N LEU B 315 4.62 -16.36 -0.08
CA LEU B 315 4.28 -14.95 -0.35
C LEU B 315 5.13 -14.42 -1.50
N ASN B 316 4.64 -13.37 -2.16
CA ASN B 316 5.39 -12.70 -3.20
C ASN B 316 4.75 -11.34 -3.35
N SER B 317 5.21 -10.51 -4.29
CA SER B 317 4.66 -9.12 -4.37
C SER B 317 3.14 -9.08 -4.49
N GLU B 318 2.60 -9.85 -5.44
CA GLU B 318 1.16 -9.82 -5.65
C GLU B 318 0.34 -10.31 -4.47
N SER B 319 0.76 -11.43 -3.89
CA SER B 319 0.00 -12.00 -2.79
C SER B 319 0.06 -11.15 -1.52
N ALA B 320 1.20 -10.50 -1.27
CA ALA B 320 1.33 -9.52 -0.20
C ALA B 320 0.38 -8.35 -0.39
N GLU B 321 0.26 -7.85 -1.63
CA GLU B 321 -0.60 -6.70 -1.95
C GLU B 321 -2.06 -7.16 -1.81
N LYS B 322 -2.36 -8.36 -2.28
CA LYS B 322 -3.73 -8.86 -2.18
C LYS B 322 -4.10 -9.00 -0.72
N ALA B 323 -3.22 -9.61 0.08
CA ALA B 323 -3.54 -9.83 1.51
C ALA B 323 -3.65 -8.46 2.21
N ALA B 324 -2.70 -7.55 1.94
CA ALA B 324 -2.70 -6.25 2.61
C ALA B 324 -4.00 -5.46 2.30
N ARG B 325 -4.43 -5.40 1.03
CA ARG B 325 -5.71 -4.65 0.72
C ARG B 325 -6.88 -5.26 1.47
N PHE B 326 -6.93 -6.58 1.49
CA PHE B 326 -8.03 -7.25 2.14
C PHE B 326 -8.07 -7.03 3.66
N VAL B 327 -6.93 -6.96 4.32
CA VAL B 327 -6.87 -6.67 5.73
C VAL B 327 -7.43 -5.27 6.00
N ARG B 328 -7.00 -4.30 5.20
CA ARG B 328 -7.42 -2.92 5.36
C ARG B 328 -8.93 -2.79 5.19
N LEU B 329 -9.49 -3.56 4.26
CA LEU B 329 -10.89 -3.53 4.02
C LEU B 329 -11.61 -4.05 5.25
N CYS B 330 -11.22 -5.20 5.74
CA CYS B 330 -11.96 -5.81 6.87
C CYS B 330 -11.80 -4.95 8.08
N ASP B 331 -10.60 -4.39 8.24
CA ASP B 331 -10.31 -3.52 9.37
C ASP B 331 -11.19 -2.28 9.35
N ALA B 332 -11.34 -1.69 8.17
CA ALA B 332 -12.19 -0.49 8.03
C ALA B 332 -13.64 -0.74 8.44
N PHE B 333 -14.18 -1.95 8.22
CA PHE B 333 -15.60 -2.20 8.47
C PHE B 333 -15.87 -3.08 9.68
N GLY B 334 -14.83 -3.28 10.51
CA GLY B 334 -15.01 -4.03 11.76
C GLY B 334 -15.24 -5.53 11.60
N ILE B 335 -14.70 -6.09 10.52
CA ILE B 335 -14.83 -7.51 10.22
C ILE B 335 -13.59 -8.27 10.76
N PRO B 336 -13.79 -9.19 11.74
CA PRO B 336 -12.65 -9.92 12.31
C PRO B 336 -12.03 -10.84 11.26
N LEU B 337 -10.78 -11.25 11.47
CA LEU B 337 -9.98 -12.03 10.50
C LEU B 337 -9.58 -13.38 11.04
N VAL B 338 -9.66 -14.39 10.18
CA VAL B 338 -9.10 -15.71 10.40
C VAL B 338 -7.94 -15.85 9.44
N VAL B 339 -6.75 -16.16 9.96
CA VAL B 339 -5.51 -16.17 9.14
C VAL B 339 -4.97 -17.59 9.22
N VAL B 340 -5.04 -18.32 8.10
CA VAL B 340 -4.71 -19.74 8.06
C VAL B 340 -3.33 -19.84 7.37
N VAL B 341 -2.35 -20.22 8.16
CA VAL B 341 -0.95 -20.15 7.78
C VAL B 341 -0.26 -21.46 7.51
N ASP B 342 0.30 -21.56 6.32
CA ASP B 342 1.19 -22.62 5.90
C ASP B 342 2.05 -22.08 4.78
N VAL B 343 3.13 -21.44 5.15
CA VAL B 343 3.88 -20.65 4.22
C VAL B 343 5.34 -20.84 4.49
N PRO B 344 6.13 -21.17 3.48
CA PRO B 344 7.56 -21.43 3.80
C PRO B 344 8.47 -20.24 3.65
N GLY B 345 8.00 -19.09 3.19
CA GLY B 345 8.85 -17.94 3.02
C GLY B 345 8.28 -17.13 1.88
N TYR B 346 8.97 -16.03 1.56
CA TYR B 346 8.74 -15.27 0.33
C TYR B 346 9.41 -16.02 -0.80
N LEU B 347 8.84 -15.91 -1.99
CA LEU B 347 9.40 -16.55 -3.19
C LEU B 347 10.68 -15.82 -3.57
N PRO B 348 11.87 -16.50 -3.52
CA PRO B 348 13.05 -15.85 -4.12
C PRO B 348 12.90 -15.61 -5.64
N GLY B 349 13.53 -14.54 -6.12
CA GLY B 349 13.62 -14.28 -7.54
C GLY B 349 14.06 -12.88 -7.86
N VAL B 350 14.88 -12.76 -8.89
CA VAL B 350 15.20 -11.50 -9.52
C VAL B 350 13.93 -10.62 -9.79
N ASP B 351 12.93 -11.20 -10.45
CA ASP B 351 11.65 -10.50 -10.70
C ASP B 351 11.04 -9.91 -9.38
N GLN B 352 11.13 -10.68 -8.31
CA GLN B 352 10.58 -10.30 -7.02
C GLN B 352 11.34 -9.06 -6.46
N GLU B 353 12.68 -9.15 -6.37
CA GLU B 353 13.50 -8.03 -5.86
C GLU B 353 13.30 -6.82 -6.74
N TRP B 354 13.43 -7.00 -8.04
CA TRP B 354 13.43 -5.88 -8.95
C TRP B 354 12.06 -5.24 -9.07
N GLY B 355 10.99 -5.97 -8.74
CA GLY B 355 9.61 -5.46 -8.90
C GLY B 355 9.21 -4.89 -7.55
N GLY B 356 10.13 -4.83 -6.59
CA GLY B 356 9.89 -4.08 -5.35
C GLY B 356 9.19 -4.88 -4.27
N VAL B 357 9.44 -6.18 -4.22
CA VAL B 357 8.79 -7.02 -3.17
C VAL B 357 8.99 -6.52 -1.76
N VAL B 358 10.12 -5.90 -1.53
CA VAL B 358 10.45 -5.33 -0.25
C VAL B 358 9.39 -4.33 0.21
N ARG B 359 8.99 -3.46 -0.68
CA ARG B 359 7.96 -2.48 -0.39
C ARG B 359 6.60 -3.14 -0.20
N ARG B 360 6.28 -4.07 -1.11
CA ARG B 360 5.02 -4.78 -1.06
C ARG B 360 4.89 -5.55 0.26
N GLY B 361 5.95 -6.26 0.63
CA GLY B 361 5.96 -6.99 1.86
C GLY B 361 5.78 -6.08 3.03
N ALA B 362 6.36 -4.91 2.95
CA ALA B 362 6.21 -3.89 3.97
C ALA B 362 4.72 -3.49 4.09
N LYS B 363 3.98 -3.45 2.98
CA LYS B 363 2.53 -3.09 3.03
C LYS B 363 1.73 -4.12 3.84
N LEU B 364 2.04 -5.41 3.71
CA LEU B 364 1.37 -6.45 4.49
C LEU B 364 1.75 -6.34 5.98
N LEU B 365 3.06 -6.12 6.29
CA LEU B 365 3.45 -5.89 7.70
C LEU B 365 2.61 -4.75 8.26
N HIS B 366 2.54 -3.65 7.50
CA HIS B 366 1.90 -2.42 7.96
C HIS B 366 0.39 -2.67 8.17
N ALA B 367 -0.24 -3.37 7.24
CA ALA B 367 -1.71 -3.63 7.32
C ALA B 367 -2.06 -4.41 8.58
N PHE B 368 -1.31 -5.49 8.86
CA PHE B 368 -1.56 -6.25 10.08
C PHE B 368 -1.19 -5.48 11.31
N GLY B 369 -0.07 -4.77 11.28
CA GLY B 369 0.35 -4.04 12.47
C GLY B 369 -0.61 -2.91 12.89
N GLU B 370 -1.24 -2.24 11.93
CA GLU B 370 -2.19 -1.17 12.22
C GLU B 370 -3.54 -1.71 12.58
N CYS B 371 -3.84 -2.94 12.21
CA CYS B 371 -5.18 -3.51 12.30
C CYS B 371 -5.71 -3.47 13.74
N THR B 372 -6.98 -3.12 13.95
CA THR B 372 -7.53 -3.14 15.29
C THR B 372 -8.70 -4.12 15.49
N VAL B 373 -9.19 -4.71 14.41
CA VAL B 373 -10.22 -5.76 14.56
C VAL B 373 -9.56 -7.02 15.09
N PRO B 374 -10.34 -7.91 15.73
CA PRO B 374 -9.77 -9.18 16.19
C PRO B 374 -9.18 -9.96 14.98
N ARG B 375 -8.04 -10.61 15.18
CA ARG B 375 -7.45 -11.33 14.06
C ARG B 375 -6.69 -12.49 14.65
N VAL B 376 -7.13 -13.69 14.32
CA VAL B 376 -6.61 -14.93 14.96
C VAL B 376 -5.88 -15.74 13.89
N THR B 377 -4.71 -16.28 14.23
CA THR B 377 -3.90 -17.07 13.30
C THR B 377 -3.97 -18.52 13.65
N LEU B 378 -4.05 -19.36 12.60
CA LEU B 378 -4.01 -20.78 12.83
C LEU B 378 -2.87 -21.30 11.98
N VAL B 379 -1.82 -21.80 12.59
CA VAL B 379 -0.76 -22.47 11.86
C VAL B 379 -1.08 -23.92 11.63
N THR B 380 -1.31 -24.29 10.38
CA THR B 380 -1.64 -25.65 10.03
C THR B 380 -0.38 -26.51 9.84
N ARG B 381 0.55 -26.01 9.03
CA ARG B 381 1.79 -26.73 8.76
C ARG B 381 3.01 -25.89 9.13
N LYS B 382 3.53 -25.16 8.15
CA LYS B 382 4.72 -24.33 8.37
C LYS B 382 4.43 -22.87 8.48
N THR B 383 5.29 -22.16 9.19
CA THR B 383 5.36 -20.71 9.10
C THR B 383 6.82 -20.34 9.36
N TYR B 384 7.51 -19.87 8.32
CA TYR B 384 8.95 -19.65 8.41
C TYR B 384 9.34 -18.21 8.14
N GLY B 385 10.37 -17.73 8.83
CA GLY B 385 11.12 -16.56 8.34
C GLY B 385 10.30 -15.27 8.29
N GLY B 386 10.59 -14.40 7.32
CA GLY B 386 9.86 -13.12 7.16
C GLY B 386 8.38 -13.35 6.88
N ALA B 387 8.03 -14.46 6.26
CA ALA B 387 6.63 -14.78 6.04
C ALA B 387 5.91 -15.10 7.33
N TYR B 388 6.57 -15.81 8.22
CA TYR B 388 6.02 -16.04 9.55
C TYR B 388 5.68 -14.69 10.19
N ILE B 389 6.58 -13.71 10.12
CA ILE B 389 6.33 -12.41 10.82
C ILE B 389 5.10 -11.73 10.19
N ALA B 390 5.04 -11.78 8.86
CA ALA B 390 4.02 -11.07 8.09
C ALA B 390 2.62 -11.70 8.24
N MET B 391 2.57 -13.01 8.46
CA MET B 391 1.26 -13.69 8.49
C MET B 391 0.61 -13.55 9.86
N ASN B 392 0.23 -12.32 10.18
CA ASN B 392 -0.41 -12.07 11.51
C ASN B 392 0.33 -12.74 12.70
N SER B 393 1.56 -12.37 12.89
CA SER B 393 2.34 -12.91 14.01
C SER B 393 2.02 -12.08 15.29
N ARG B 394 2.36 -12.64 16.44
CA ARG B 394 2.25 -11.94 17.73
C ARG B 394 2.99 -10.60 17.73
N SER B 395 4.12 -10.55 17.02
CA SER B 395 4.92 -9.30 17.06
C SER B 395 4.09 -8.19 16.40
N LEU B 396 3.17 -8.56 15.54
CA LEU B 396 2.31 -7.58 14.86
C LEU B 396 1.07 -7.26 15.69
N ASN B 397 1.03 -7.79 16.91
CA ASN B 397 -0.09 -7.56 17.80
C ASN B 397 -1.30 -8.41 17.42
N ALA B 398 -1.06 -9.70 17.21
CA ALA B 398 -2.13 -10.63 16.84
C ALA B 398 -2.97 -11.01 18.07
N THR B 399 -4.28 -11.15 17.86
CA THR B 399 -5.19 -11.51 18.93
C THR B 399 -4.76 -12.80 19.62
N LYS B 400 -4.77 -13.90 18.87
CA LYS B 400 -4.38 -15.22 19.40
C LYS B 400 -3.73 -15.98 18.27
N VAL B 401 -2.82 -16.89 18.61
CA VAL B 401 -2.17 -17.68 17.58
C VAL B 401 -2.29 -19.12 18.02
N PHE B 402 -2.93 -19.93 17.17
CA PHE B 402 -3.14 -21.35 17.44
C PHE B 402 -2.30 -22.17 16.50
N ALA B 403 -1.93 -23.36 16.96
CA ALA B 403 -1.17 -24.27 16.10
C ALA B 403 -1.74 -25.67 16.18
N TRP B 404 -1.81 -26.32 15.02
CA TRP B 404 -2.10 -27.75 15.02
C TRP B 404 -0.90 -28.53 15.54
N PRO B 405 -1.13 -29.80 15.98
CA PRO B 405 -0.09 -30.51 16.70
C PRO B 405 1.24 -30.61 15.93
N ASP B 406 1.21 -30.76 14.61
CA ASP B 406 2.47 -30.99 13.89
C ASP B 406 2.99 -29.71 13.24
N ALA B 407 2.48 -28.56 13.65
CA ALA B 407 2.91 -27.28 13.05
C ALA B 407 4.36 -26.96 13.36
N GLU B 408 4.98 -26.18 12.48
CA GLU B 408 6.32 -25.76 12.77
C GLU B 408 6.40 -24.22 12.62
N VAL B 409 7.03 -23.55 13.59
CA VAL B 409 7.37 -22.12 13.52
C VAL B 409 8.91 -22.07 13.61
N ALA B 410 9.59 -21.52 12.62
CA ALA B 410 11.07 -21.56 12.58
C ALA B 410 11.52 -20.48 11.63
N VAL B 411 12.83 -20.25 11.62
CA VAL B 411 13.42 -19.32 10.65
C VAL B 411 13.37 -19.92 9.24
N MET B 412 13.63 -21.24 9.14
CA MET B 412 13.58 -22.02 7.86
C MET B 412 13.56 -23.50 8.23
N GLY B 413 13.52 -24.41 7.25
CA GLY B 413 13.38 -25.82 7.55
C GLY B 413 14.67 -26.30 8.19
N ALA B 414 14.63 -27.39 8.96
CA ALA B 414 15.76 -27.80 9.77
C ALA B 414 17.00 -28.17 8.93
N LYS B 415 16.77 -28.92 7.85
CA LYS B 415 17.85 -29.24 6.92
C LYS B 415 18.59 -28.00 6.38
N ALA B 416 17.86 -27.01 5.92
CA ALA B 416 18.49 -25.78 5.45
C ALA B 416 19.21 -25.02 6.59
N ALA B 417 18.58 -24.99 7.76
CA ALA B 417 19.15 -24.32 8.92
C ALA B 417 20.48 -24.95 9.33
N VAL B 418 20.50 -26.27 9.39
CA VAL B 418 21.70 -27.01 9.75
C VAL B 418 22.83 -26.73 8.77
N GLY B 419 22.49 -26.70 7.48
CA GLY B 419 23.46 -26.44 6.44
C GLY B 419 24.21 -25.14 6.66
N ILE B 420 23.52 -24.15 7.21
CA ILE B 420 24.13 -22.84 7.48
C ILE B 420 24.87 -22.92 8.81
N LEU B 421 24.19 -23.36 9.86
CA LEU B 421 24.75 -23.35 11.22
C LEU B 421 25.95 -24.26 11.34
N HIS B 422 25.95 -25.39 10.64
CA HIS B 422 27.05 -26.34 10.74
C HIS B 422 27.78 -26.54 9.42
N LYS B 423 27.90 -25.46 8.65
CA LYS B 423 28.37 -25.47 7.25
C LYS B 423 29.74 -26.09 7.08
N LYS B 424 30.61 -25.68 7.99
CA LYS B 424 32.01 -25.98 7.80
C LYS B 424 32.26 -27.42 8.20
N LYS B 425 31.58 -27.83 9.26
CA LYS B 425 31.64 -29.18 9.77
C LYS B 425 31.04 -30.22 8.80
N LEU B 426 29.91 -29.89 8.17
CA LEU B 426 29.46 -30.63 7.01
C LEU B 426 30.51 -30.69 5.85
N ALA B 427 31.07 -29.56 5.46
CA ALA B 427 32.08 -29.54 4.38
C ALA B 427 33.36 -30.30 4.77
N ALA B 428 33.63 -30.35 6.06
CA ALA B 428 34.79 -31.07 6.60
C ALA B 428 34.60 -32.57 6.69
N ALA B 429 33.36 -33.10 6.72
CA ALA B 429 33.17 -34.56 6.76
C ALA B 429 33.48 -35.16 5.38
N PRO B 430 33.87 -36.46 5.31
CA PRO B 430 34.04 -36.93 3.93
C PRO B 430 32.71 -36.94 3.14
N GLU B 431 32.84 -36.81 1.83
CA GLU B 431 31.75 -36.94 0.87
C GLU B 431 30.68 -37.95 1.32
N HIS B 432 31.12 -39.18 1.52
CA HIS B 432 30.22 -40.29 1.67
C HIS B 432 29.52 -40.34 3.03
N GLU B 433 29.91 -39.49 3.97
CA GLU B 433 29.22 -39.45 5.28
C GLU B 433 28.44 -38.20 5.42
N ARG B 434 28.61 -37.30 4.45
CA ARG B 434 28.03 -35.98 4.56
C ARG B 434 26.50 -36.07 4.73
N GLU B 435 25.84 -36.91 3.92
CA GLU B 435 24.37 -37.05 3.96
C GLU B 435 23.84 -37.50 5.34
N ALA B 436 24.39 -38.59 5.87
CA ALA B 436 23.91 -39.13 7.13
C ALA B 436 24.10 -38.07 8.21
N LEU B 437 25.21 -37.33 8.15
CA LEU B 437 25.51 -36.33 9.17
C LEU B 437 24.52 -35.19 9.11
N HIS B 438 24.36 -34.63 7.90
CA HIS B 438 23.33 -33.60 7.64
C HIS B 438 21.97 -33.96 8.24
N ASP B 439 21.52 -35.19 7.98
CA ASP B 439 20.27 -35.69 8.57
C ASP B 439 20.22 -35.75 10.08
N GLN B 440 21.28 -36.30 10.68
CA GLN B 440 21.40 -36.36 12.14
C GLN B 440 21.36 -34.98 12.72
N LEU B 441 22.10 -34.05 12.11
CA LEU B 441 22.08 -32.66 12.58
C LEU B 441 20.70 -31.99 12.48
N ALA B 442 20.02 -32.21 11.37
CA ALA B 442 18.71 -31.62 11.15
C ALA B 442 17.70 -32.21 12.16
N ALA B 443 17.77 -33.53 12.42
CA ALA B 443 16.87 -34.17 13.41
C ALA B 443 17.12 -33.61 14.81
N GLU B 444 18.38 -33.44 15.18
CA GLU B 444 18.68 -32.74 16.44
C GLU B 444 18.13 -31.31 16.48
N HIS B 445 18.29 -30.55 15.40
CA HIS B 445 17.83 -29.18 15.37
C HIS B 445 16.33 -29.15 15.49
N GLU B 446 15.67 -30.13 14.85
CA GLU B 446 14.21 -30.34 15.03
C GLU B 446 13.85 -30.58 16.49
N ARG B 447 14.54 -31.54 17.13
CA ARG B 447 14.29 -31.85 18.54
C ARG B 447 14.43 -30.57 19.42
N ILE B 448 15.50 -29.81 19.20
CA ILE B 448 15.74 -28.60 19.97
C ILE B 448 14.57 -27.63 19.84
N ALA B 449 14.36 -27.11 18.64
CA ALA B 449 13.27 -26.17 18.38
C ALA B 449 12.05 -26.89 17.81
N GLY B 450 12.05 -27.10 16.51
CA GLY B 450 10.95 -27.78 15.84
C GLY B 450 9.59 -27.30 16.32
N GLY B 451 9.16 -26.16 15.81
CA GLY B 451 7.84 -25.58 16.19
C GLY B 451 7.02 -26.70 16.82
N VAL B 452 6.07 -26.40 17.70
CA VAL B 452 5.78 -25.07 18.11
C VAL B 452 6.27 -24.94 19.52
N ASP B 453 7.19 -25.83 19.89
CA ASP B 453 7.69 -25.89 21.23
C ASP B 453 8.33 -24.58 21.69
N SER B 454 9.38 -24.16 20.98
CA SER B 454 10.07 -22.92 21.26
C SER B 454 9.09 -21.76 21.12
N ALA B 455 8.22 -21.83 20.11
CA ALA B 455 7.20 -20.78 19.88
C ALA B 455 6.20 -20.60 21.06
N LEU B 456 5.73 -21.70 21.62
CA LEU B 456 4.90 -21.67 22.85
C LEU B 456 5.69 -21.04 24.01
N ASP B 457 6.95 -21.44 24.14
CA ASP B 457 7.73 -20.97 25.28
C ASP B 457 7.93 -19.47 25.34
N ILE B 458 7.99 -18.81 24.18
CA ILE B 458 8.08 -17.34 24.16
C ILE B 458 6.75 -16.64 23.89
N GLY B 459 5.63 -17.36 24.01
CA GLY B 459 4.29 -16.71 23.88
C GLY B 459 3.96 -16.17 22.50
N VAL B 460 4.59 -16.67 21.44
CA VAL B 460 4.19 -16.21 20.10
C VAL B 460 3.24 -17.21 19.42
N VAL B 461 3.15 -18.41 20.00
CA VAL B 461 2.00 -19.28 19.73
C VAL B 461 1.29 -19.37 21.08
N ASP B 462 -0.01 -19.22 21.13
CA ASP B 462 -0.69 -19.24 22.44
C ASP B 462 -1.06 -20.64 22.85
N GLU B 463 -1.47 -21.45 21.89
CA GLU B 463 -1.95 -22.75 22.31
C GLU B 463 -1.84 -23.73 21.16
N LYS B 464 -1.43 -24.96 21.47
CA LYS B 464 -1.46 -26.03 20.47
C LYS B 464 -2.85 -26.67 20.61
N ILE B 465 -3.57 -26.84 19.51
CA ILE B 465 -4.98 -27.31 19.66
C ILE B 465 -5.22 -28.60 18.93
N ASP B 466 -6.22 -29.33 19.43
CA ASP B 466 -6.76 -30.46 18.73
C ASP B 466 -7.43 -29.89 17.45
N PRO B 467 -7.04 -30.40 16.27
CA PRO B 467 -7.62 -29.84 15.06
C PRO B 467 -9.13 -30.06 15.00
N ALA B 468 -9.68 -31.03 15.74
CA ALA B 468 -11.13 -31.30 15.74
C ALA B 468 -11.86 -30.08 16.30
N HIS B 469 -11.13 -29.26 17.05
CA HIS B 469 -11.74 -28.12 17.70
C HIS B 469 -11.34 -26.80 17.11
N THR B 470 -10.87 -26.83 15.86
CA THR B 470 -10.31 -25.65 15.19
C THR B 470 -11.38 -24.60 15.09
N ARG B 471 -12.54 -25.00 14.61
CA ARG B 471 -13.61 -24.02 14.35
C ARG B 471 -14.06 -23.31 15.66
N SER B 472 -14.32 -24.09 16.70
CA SER B 472 -14.77 -23.53 17.97
C SER B 472 -13.66 -22.74 18.69
N LYS B 473 -12.43 -23.20 18.62
CA LYS B 473 -11.32 -22.47 19.25
C LYS B 473 -11.17 -21.09 18.61
N LEU B 474 -11.21 -21.04 17.27
CA LEU B 474 -11.11 -19.78 16.52
C LEU B 474 -12.25 -18.87 16.90
N THR B 475 -13.45 -19.43 16.94
CA THR B 475 -14.63 -18.63 17.25
C THR B 475 -14.51 -18.03 18.65
N GLU B 476 -14.12 -18.86 19.62
CA GLU B 476 -13.94 -18.42 21.00
C GLU B 476 -12.95 -17.24 21.10
N ALA B 477 -11.79 -17.36 20.46
CA ALA B 477 -10.80 -16.28 20.47
C ALA B 477 -11.31 -14.96 19.84
N LEU B 478 -11.97 -15.05 18.68
CA LEU B 478 -12.55 -13.84 18.05
C LEU B 478 -13.66 -13.20 18.89
N ALA B 479 -14.53 -14.01 19.48
CA ALA B 479 -15.63 -13.52 20.31
C ALA B 479 -15.16 -12.83 21.59
N GLN B 480 -14.09 -13.35 22.20
CA GLN B 480 -13.57 -12.86 23.48
C GLN B 480 -12.80 -11.58 23.28
N ALA B 481 -12.28 -11.37 22.07
CA ALA B 481 -11.55 -10.14 21.70
C ALA B 481 -12.41 -8.86 21.79
N PRO B 482 -11.79 -7.72 22.22
CA PRO B 482 -12.50 -6.44 22.00
C PRO B 482 -12.79 -6.17 20.49
N ALA B 483 -13.92 -5.54 20.16
CA ALA B 483 -14.20 -5.11 18.79
C ALA B 483 -13.02 -4.32 18.21
N ARG B 484 -12.37 -3.49 19.04
CA ARG B 484 -11.22 -2.68 18.56
C ARG B 484 -10.05 -2.69 19.54
N ARG B 485 -8.94 -3.32 19.15
CA ARG B 485 -7.69 -3.25 19.91
C ARG B 485 -7.28 -1.76 19.99
#